data_3V6K
#
_entry.id   3V6K
#
_cell.length_a   51.855
_cell.length_b   110.953
_cell.length_c   100.238
_cell.angle_alpha   90.00
_cell.angle_beta   102.70
_cell.angle_gamma   90.00
#
_symmetry.space_group_name_H-M   'P 1 21 1'
#
loop_
_entity.id
_entity.type
_entity.pdbx_description
1 polymer 'DNA polymerase IV'
2 polymer "DNA (5'-D(P*GP*AP*AP*GP*GP*AP*TP*TP*CP*(2DT))-3')"
3 polymer "DNA (5'-D(*TP*CP*AP*CP*(EFG)P*GP*AP*AP*TP*CP*CP*TP*TP*C)-3')"
4 non-polymer 'MAGNESIUM ION'
5 non-polymer 'CALCIUM ION'
6 non-polymer 'SODIUM ION'
7 water water
#
loop_
_entity_poly.entity_id
_entity_poly.type
_entity_poly.pdbx_seq_one_letter_code
_entity_poly.pdbx_strand_id
1 'polypeptide(L)'
;HHHHHMIVLFVDFDYFYAQVEEVLNPSLKGKPVVVCVFSGRFEDSGAVATANYEARKFGVKAGIPIVEAKKILPNAVYLP
MRKEVYQQVSSRIMNLLREYSEKIEIASIDEAYLDISDKVRDYREAYNLGLEIKNKILEKEKITVTVGISKNKVFAKIAA
DMAKPNGIKVIDDEEVKRLIRELDIADVPGIGNITAEKLKKLGINKLVDTLSIEFDKLKGMIGEAKAKYLISLARDEYNE
PIRTRVRKSIGRIVTMKRNSRNLEEIKPYLFRAIEESYYKLDKRIPKAIHVVAVTEDLDIVSRGRTFPHGISKETAYSES
VKLLQKILEEDERKIRRIGVRFSKFIE
;
A,J
2 'polydeoxyribonucleotide' (DG)(DA)(DA)(DG)(DG)(DA)(DT)(DT)(DC)(2DT) P,K
3 'polydeoxyribonucleotide' (DT)(DC)(DA)(DC)(EFG)(DG)(DA)(DA)(DT)(DC)(DC)(DT)(DT)(DC) B,M
#
loop_
_chem_comp.id
_chem_comp.type
_chem_comp.name
_chem_comp.formula
2DT DNA linking 3'-DEOXYTHYMIDINE-5'-MONOPHOSPHATE 'C10 H15 N2 O7 P'
CA non-polymer 'CALCIUM ION' 'Ca 2'
DA DNA linking 2'-DEOXYADENOSINE-5'-MONOPHOSPHATE 'C10 H14 N5 O6 P'
DC DNA linking 2'-DEOXYCYTIDINE-5'-MONOPHOSPHATE 'C9 H14 N3 O7 P'
DG DNA linking 2'-DEOXYGUANOSINE-5'-MONOPHOSPHATE 'C10 H14 N5 O7 P'
DT DNA linking THYMIDINE-5'-MONOPHOSPHATE 'C10 H15 N2 O8 P'
EFG non-polymer 1-(2-deoxy-2-fluoro-5-O-phosphono-beta-D-arabinofuranosyl)-1H-imidazo[2,1-b]purin-4(5H)-one 'C12 H13 F N5 O7 P'
MG non-polymer 'MAGNESIUM ION' 'Mg 2'
NA non-polymer 'SODIUM ION' 'Na 1'
#
# COMPACT_ATOMS: atom_id res chain seq x y z
N MET A 6 36.75 -8.82 6.39
CA MET A 6 35.30 -9.03 6.08
C MET A 6 34.55 -7.86 6.67
N ILE A 7 33.94 -7.02 5.83
CA ILE A 7 33.09 -5.94 6.34
C ILE A 7 31.60 -6.22 6.06
N VAL A 8 30.79 -6.19 7.13
CA VAL A 8 29.39 -6.55 7.06
C VAL A 8 28.47 -5.37 7.29
N LEU A 9 27.70 -4.99 6.27
CA LEU A 9 26.84 -3.83 6.38
C LEU A 9 25.41 -4.29 6.52
N PHE A 10 24.72 -3.86 7.56
CA PHE A 10 23.39 -4.39 7.86
C PHE A 10 22.36 -3.31 7.71
N VAL A 11 21.25 -3.59 7.05
CA VAL A 11 20.19 -2.61 6.92
C VAL A 11 18.98 -3.19 7.56
N ASP A 12 18.55 -2.56 8.66
CA ASP A 12 17.24 -2.79 9.24
C ASP A 12 16.34 -1.62 8.87
N PHE A 13 15.14 -1.88 8.36
CA PHE A 13 14.23 -0.78 8.08
C PHE A 13 13.53 -0.37 9.36
N ASP A 14 13.36 0.95 9.49
CA ASP A 14 12.74 1.58 10.65
C ASP A 14 11.25 1.27 10.67
N TYR A 15 10.78 1.01 11.88
CA TYR A 15 9.44 0.54 12.11
C TYR A 15 8.65 0.42 10.88
N PHE A 16 8.96 -0.62 10.16
CA PHE A 16 8.50 -0.81 8.78
C PHE A 16 7.03 -0.69 8.41
N TYR A 17 6.19 -1.62 8.90
CA TYR A 17 4.77 -1.59 8.57
C TYR A 17 4.15 -0.27 8.95
N ALA A 18 4.51 0.33 10.05
CA ALA A 18 4.02 1.65 10.31
C ALA A 18 4.47 2.67 9.25
N GLN A 19 5.77 2.70 8.99
CA GLN A 19 6.29 3.63 8.03
C GLN A 19 5.49 3.51 6.71
N VAL A 20 5.45 2.32 6.14
CA VAL A 20 4.73 2.11 4.90
C VAL A 20 3.36 2.70 4.91
N GLU A 21 2.65 2.56 6.02
CA GLU A 21 1.29 3.09 6.12
C GLU A 21 1.30 4.61 6.03
N GLU A 22 2.37 5.23 6.50
CA GLU A 22 2.49 6.68 6.47
C GLU A 22 2.92 7.07 5.12
N VAL A 23 3.70 6.23 4.45
CA VAL A 23 4.16 6.59 3.10
C VAL A 23 3.00 6.59 2.13
N LEU A 24 2.09 5.65 2.35
CA LEU A 24 0.87 5.54 1.59
C LEU A 24 -0.15 6.60 2.02
N ASN A 25 0.07 7.20 3.17
CA ASN A 25 -0.84 8.22 3.63
C ASN A 25 -0.05 9.21 4.45
N PRO A 26 0.66 10.13 3.79
CA PRO A 26 1.57 11.04 4.46
C PRO A 26 0.91 12.08 5.35
N SER A 27 -0.40 12.06 5.44
CA SER A 27 -1.07 12.90 6.42
C SER A 27 -0.87 12.36 7.84
N LEU A 28 -0.60 11.06 7.95
CA LEU A 28 -0.41 10.43 9.24
C LEU A 28 0.88 10.89 9.84
N LYS A 29 1.90 11.04 8.99
CA LYS A 29 3.27 11.37 9.40
C LYS A 29 3.28 12.38 10.52
N GLY A 30 3.88 11.98 11.62
CA GLY A 30 4.01 12.86 12.74
C GLY A 30 3.08 12.49 13.86
N LYS A 31 1.84 12.13 13.52
CA LYS A 31 0.92 11.52 14.48
C LYS A 31 1.47 10.16 14.91
N PRO A 32 0.75 9.46 15.80
CA PRO A 32 1.27 8.17 16.14
C PRO A 32 0.47 7.03 15.50
N VAL A 33 0.89 6.52 14.36
CA VAL A 33 0.22 5.37 13.73
C VAL A 33 0.54 4.05 14.43
N VAL A 34 -0.45 3.16 14.55
CA VAL A 34 -0.27 1.81 15.15
C VAL A 34 -0.87 0.70 14.29
N VAL A 35 -0.05 -0.25 13.83
CA VAL A 35 -0.49 -1.27 12.85
C VAL A 35 -0.78 -2.61 13.57
N CYS A 36 -2.00 -3.14 13.42
CA CYS A 36 -2.48 -4.22 14.28
C CYS A 36 -3.05 -5.35 13.50
N VAL A 37 -3.33 -6.45 14.21
CA VAL A 37 -3.97 -7.64 13.67
C VAL A 37 -5.32 -7.87 14.36
N PHE A 38 -6.34 -7.12 13.95
CA PHE A 38 -7.69 -7.29 14.48
C PHE A 38 -8.20 -8.74 14.26
N SER A 39 -8.49 -9.46 15.34
CA SER A 39 -8.96 -10.86 15.21
C SER A 39 -10.47 -10.96 15.18
N GLY A 40 -11.19 -9.84 15.13
CA GLY A 40 -12.65 -9.93 15.05
C GLY A 40 -13.30 -10.81 16.12
N ARG A 41 -12.48 -11.26 17.07
CA ARG A 41 -12.95 -12.04 18.21
C ARG A 41 -13.66 -11.15 19.23
N PHE A 42 -13.94 -9.89 18.87
CA PHE A 42 -14.74 -9.00 19.73
C PHE A 42 -14.36 -7.52 19.74
N GLU A 43 -13.98 -6.98 18.59
CA GLU A 43 -13.73 -5.55 18.48
C GLU A 43 -12.54 -5.04 19.30
N ASP A 44 -11.34 -5.31 18.80
CA ASP A 44 -10.10 -4.75 19.36
C ASP A 44 -9.35 -5.95 19.93
N SER A 45 -9.93 -7.12 19.75
CA SER A 45 -9.23 -8.35 20.00
C SER A 45 -8.11 -8.43 19.02
N GLY A 46 -6.89 -8.66 19.50
CA GLY A 46 -5.74 -8.83 18.61
C GLY A 46 -4.47 -8.27 19.22
N ALA A 47 -3.42 -8.15 18.42
CA ALA A 47 -2.17 -7.58 18.91
C ALA A 47 -1.60 -6.55 17.96
N VAL A 48 -0.79 -5.68 18.53
CA VAL A 48 -0.15 -4.64 17.81
C VAL A 48 0.70 -5.42 16.90
N ALA A 49 1.34 -4.77 15.94
CA ALA A 49 2.19 -5.44 15.01
C ALA A 49 3.51 -4.75 15.09
N THR A 50 3.46 -3.44 15.21
CA THR A 50 4.63 -2.61 15.37
C THR A 50 4.09 -1.22 15.35
N ALA A 51 4.86 -0.22 15.72
CA ALA A 51 4.25 1.08 15.84
C ALA A 51 5.11 2.33 15.70
N ASN A 52 4.56 3.32 15.02
CA ASN A 52 5.30 4.54 14.82
C ASN A 52 6.04 5.01 16.05
N TYR A 53 7.18 5.67 15.85
CA TYR A 53 7.94 6.22 16.97
C TYR A 53 7.17 7.09 17.91
N GLU A 54 6.39 8.01 17.36
CA GLU A 54 5.48 8.81 18.18
C GLU A 54 4.62 7.89 19.06
N ALA A 55 4.24 6.75 18.50
CA ALA A 55 3.45 5.75 19.25
C ALA A 55 4.25 4.89 20.21
N ARG A 56 5.43 4.46 19.78
CA ARG A 56 6.32 3.61 20.57
C ARG A 56 6.66 4.30 21.84
N LYS A 57 6.93 5.61 21.77
CA LYS A 57 7.48 6.31 22.92
C LYS A 57 6.53 6.34 24.12
N PHE A 58 5.31 5.89 23.89
CA PHE A 58 4.32 5.74 24.93
C PHE A 58 4.15 4.28 25.40
N GLY A 59 5.00 3.39 24.94
CA GLY A 59 5.00 2.03 25.44
C GLY A 59 4.14 1.09 24.63
N VAL A 60 3.52 1.65 23.59
CA VAL A 60 2.82 0.84 22.61
C VAL A 60 3.83 0.25 21.66
N LYS A 61 4.14 -1.03 21.84
CA LYS A 61 5.11 -1.74 21.00
C LYS A 61 4.46 -2.96 20.29
N ALA A 62 5.13 -3.53 19.26
CA ALA A 62 4.63 -4.79 18.67
C ALA A 62 4.32 -5.77 19.80
N GLY A 63 3.30 -6.58 19.61
CA GLY A 63 3.05 -7.67 20.53
C GLY A 63 2.04 -7.42 21.63
N ILE A 64 1.89 -6.20 22.10
CA ILE A 64 0.85 -5.97 23.16
C ILE A 64 -0.62 -6.07 22.65
N PRO A 65 -1.59 -6.36 23.52
CA PRO A 65 -2.97 -6.35 23.05
C PRO A 65 -3.46 -4.98 22.60
N ILE A 66 -4.18 -4.93 21.47
CA ILE A 66 -4.81 -3.70 20.95
C ILE A 66 -5.59 -2.94 22.01
N VAL A 67 -6.17 -3.68 22.95
CA VAL A 67 -6.94 -3.03 24.00
C VAL A 67 -6.00 -2.52 25.10
N GLU A 68 -4.91 -3.23 25.34
CA GLU A 68 -3.86 -2.69 26.19
C GLU A 68 -3.35 -1.37 25.62
N ALA A 69 -3.11 -1.33 24.30
CA ALA A 69 -2.64 -0.14 23.61
C ALA A 69 -3.59 1.04 23.71
N LYS A 70 -4.88 0.75 23.63
CA LYS A 70 -5.83 1.82 23.63
C LYS A 70 -5.94 2.52 25.03
N LYS A 71 -5.59 1.82 26.12
CA LYS A 71 -5.56 2.43 27.47
C LYS A 71 -4.49 3.51 27.47
N ILE A 72 -3.61 3.45 26.47
CA ILE A 72 -2.48 4.35 26.36
C ILE A 72 -2.74 5.45 25.30
N LEU A 73 -2.84 5.04 24.04
CA LEU A 73 -3.08 5.98 22.95
C LEU A 73 -4.39 5.66 22.23
N PRO A 74 -5.51 6.09 22.82
CA PRO A 74 -6.83 5.85 22.22
C PRO A 74 -7.12 6.81 21.07
N ASN A 75 -6.28 7.83 20.91
CA ASN A 75 -6.45 8.80 19.85
C ASN A 75 -5.48 8.58 18.69
N ALA A 76 -4.57 7.64 18.88
CA ALA A 76 -3.59 7.32 17.86
C ALA A 76 -4.28 6.58 16.76
N VAL A 77 -3.65 6.50 15.61
CA VAL A 77 -4.24 5.88 14.43
C VAL A 77 -4.00 4.39 14.41
N TYR A 78 -5.08 3.61 14.41
CA TYR A 78 -4.96 2.16 14.51
C TYR A 78 -5.30 1.42 13.20
N LEU A 79 -4.31 1.09 12.38
CA LEU A 79 -4.60 0.53 11.09
C LEU A 79 -4.44 -0.99 11.04
N PRO A 80 -5.19 -1.70 10.17
CA PRO A 80 -5.07 -3.16 10.15
C PRO A 80 -3.90 -3.58 9.29
N MET A 81 -3.12 -4.56 9.75
CA MET A 81 -1.92 -5.04 9.04
C MET A 81 -2.14 -5.52 7.62
N ARG A 82 -1.58 -4.81 6.65
CA ARG A 82 -1.73 -5.17 5.26
C ARG A 82 -0.47 -5.83 4.70
N LYS A 83 -0.35 -7.15 4.83
CA LYS A 83 0.94 -7.77 4.65
C LYS A 83 1.46 -7.70 3.23
N GLU A 84 0.61 -7.98 2.25
CA GLU A 84 1.08 -7.97 0.88
C GLU A 84 1.58 -6.61 0.52
N VAL A 85 0.79 -5.55 0.78
CA VAL A 85 1.27 -4.16 0.60
C VAL A 85 2.68 -3.96 1.15
N TYR A 86 2.93 -4.51 2.35
CA TYR A 86 4.22 -4.37 3.03
C TYR A 86 5.29 -5.16 2.34
N GLN A 87 4.92 -6.27 1.73
CA GLN A 87 5.89 -7.07 1.08
C GLN A 87 6.32 -6.49 -0.27
N GLN A 88 5.37 -6.06 -1.08
CA GLN A 88 5.74 -5.46 -2.34
C GLN A 88 6.55 -4.20 -2.17
N VAL A 89 6.34 -3.46 -1.11
CA VAL A 89 7.23 -2.34 -0.82
C VAL A 89 8.56 -2.81 -0.27
N SER A 90 8.66 -4.05 0.20
CA SER A 90 9.91 -4.49 0.75
C SER A 90 10.77 -5.00 -0.33
N SER A 91 10.22 -5.70 -1.28
CA SER A 91 11.09 -6.29 -2.27
C SER A 91 11.70 -5.23 -3.18
N ARG A 92 10.93 -4.20 -3.45
CA ARG A 92 11.44 -3.08 -4.16
C ARG A 92 12.75 -2.61 -3.53
N ILE A 93 12.76 -2.53 -2.20
CA ILE A 93 13.96 -2.11 -1.47
C ILE A 93 15.04 -3.19 -1.46
N MET A 94 14.65 -4.42 -1.19
CA MET A 94 15.57 -5.54 -1.22
C MET A 94 16.29 -5.61 -2.57
N ASN A 95 15.56 -5.38 -3.65
CA ASN A 95 16.19 -5.33 -4.92
C ASN A 95 17.19 -4.21 -5.03
N LEU A 96 16.83 -3.02 -4.58
CA LEU A 96 17.71 -1.85 -4.67
C LEU A 96 19.11 -2.14 -4.10
N LEU A 97 19.15 -2.77 -2.92
CA LEU A 97 20.38 -3.06 -2.23
C LEU A 97 21.13 -4.15 -2.91
N ARG A 98 20.41 -5.11 -3.47
CA ARG A 98 21.04 -6.19 -4.19
C ARG A 98 22.18 -5.65 -5.09
N GLU A 99 21.86 -4.66 -5.93
CA GLU A 99 22.86 -4.05 -6.80
C GLU A 99 24.17 -3.63 -6.10
N TYR A 100 24.07 -3.24 -4.83
CA TYR A 100 25.24 -2.74 -4.11
C TYR A 100 26.25 -3.85 -3.85
N SER A 101 25.82 -4.92 -3.22
CA SER A 101 26.70 -6.05 -2.96
C SER A 101 25.92 -7.30 -3.16
N GLU A 102 26.07 -7.95 -4.30
CA GLU A 102 25.26 -9.13 -4.67
C GLU A 102 25.25 -10.23 -3.60
N LYS A 103 26.27 -10.23 -2.75
CA LYS A 103 26.39 -11.22 -1.69
C LYS A 103 25.56 -10.78 -0.47
N ILE A 104 24.23 -10.70 -0.61
CA ILE A 104 23.38 -10.21 0.51
C ILE A 104 22.65 -11.33 1.16
N GLU A 105 22.16 -11.13 2.37
CA GLU A 105 21.29 -12.15 2.93
C GLU A 105 20.11 -11.59 3.67
N ILE A 106 18.97 -11.83 3.04
CA ILE A 106 17.72 -11.26 3.41
C ILE A 106 17.26 -11.96 4.64
N ALA A 107 17.27 -11.21 5.73
CA ALA A 107 17.08 -11.70 7.09
C ALA A 107 15.65 -11.98 7.41
N SER A 108 14.82 -10.94 7.15
CA SER A 108 13.39 -10.90 7.40
C SER A 108 12.79 -9.94 6.42
N ILE A 109 11.52 -9.60 6.59
CA ILE A 109 10.87 -8.67 5.65
C ILE A 109 11.44 -7.26 5.71
N ASP A 110 12.10 -6.97 6.83
CA ASP A 110 12.67 -5.67 7.05
C ASP A 110 14.11 -5.76 7.56
N GLU A 111 14.90 -6.65 7.01
CA GLU A 111 16.30 -6.77 7.39
C GLU A 111 17.12 -7.42 6.28
N ALA A 112 18.33 -6.95 6.10
CA ALA A 112 19.21 -7.52 5.12
C ALA A 112 20.66 -7.34 5.51
N TYR A 113 21.48 -8.35 5.32
CA TYR A 113 22.90 -8.20 5.55
C TYR A 113 23.51 -8.17 4.20
N LEU A 114 24.45 -7.27 3.99
CA LEU A 114 25.18 -7.26 2.75
C LEU A 114 26.59 -7.43 3.16
N ASP A 115 27.33 -8.21 2.38
CA ASP A 115 28.78 -8.35 2.62
C ASP A 115 29.50 -7.42 1.68
N ILE A 116 30.16 -6.43 2.24
CA ILE A 116 30.86 -5.48 1.38
C ILE A 116 32.40 -5.60 1.46
N SER A 117 32.90 -6.81 1.74
CA SER A 117 34.32 -6.99 2.02
C SER A 117 35.15 -6.58 0.83
N ASP A 118 34.73 -7.01 -0.36
CA ASP A 118 35.49 -6.75 -1.57
C ASP A 118 34.99 -5.50 -2.32
N LYS A 119 33.74 -5.11 -2.04
CA LYS A 119 33.14 -3.86 -2.54
C LYS A 119 33.79 -2.63 -1.96
N VAL A 120 34.37 -2.75 -0.77
CA VAL A 120 35.04 -1.61 -0.11
C VAL A 120 35.95 -2.11 1.02
N ARG A 121 37.03 -1.37 1.28
CA ARG A 121 37.92 -1.70 2.37
C ARG A 121 38.33 -0.48 3.18
N ASP A 122 38.24 -0.58 4.49
CA ASP A 122 38.57 0.51 5.40
C ASP A 122 37.33 1.30 5.73
N TYR A 123 36.86 1.09 6.94
CA TYR A 123 35.46 1.46 7.36
C TYR A 123 35.04 2.81 6.84
N ARG A 124 35.93 3.80 6.89
CA ARG A 124 35.60 5.11 6.37
C ARG A 124 34.77 4.97 5.10
N GLU A 125 35.22 4.12 4.20
CA GLU A 125 34.53 3.86 2.93
C GLU A 125 33.13 3.30 3.22
N ALA A 126 33.11 2.22 3.98
CA ALA A 126 31.87 1.55 4.39
C ALA A 126 30.78 2.47 4.89
N TYR A 127 31.13 3.35 5.80
CA TYR A 127 30.20 4.34 6.31
C TYR A 127 29.56 5.13 5.18
N ASN A 128 30.38 5.57 4.24
CA ASN A 128 29.88 6.40 3.18
C ASN A 128 28.86 5.64 2.38
N LEU A 129 29.12 4.36 2.15
CA LEU A 129 28.17 3.51 1.45
C LEU A 129 26.85 3.45 2.22
N GLY A 130 26.93 3.34 3.54
CA GLY A 130 25.75 3.40 4.39
C GLY A 130 24.90 4.58 3.97
N LEU A 131 25.52 5.75 3.95
CA LEU A 131 24.83 6.96 3.55
C LEU A 131 24.20 6.81 2.17
N GLU A 132 24.92 6.18 1.24
CA GLU A 132 24.43 6.02 -0.12
C GLU A 132 23.22 5.09 -0.05
N ILE A 133 23.43 3.85 0.42
CA ILE A 133 22.36 2.86 0.55
C ILE A 133 21.17 3.54 1.20
N LYS A 134 21.42 4.11 2.37
CA LYS A 134 20.39 4.71 3.21
C LYS A 134 19.64 5.84 2.47
N ASN A 135 20.43 6.64 1.77
CA ASN A 135 19.90 7.78 1.09
C ASN A 135 19.11 7.33 -0.12
N LYS A 136 19.49 6.19 -0.66
CA LYS A 136 18.89 5.75 -1.91
C LYS A 136 17.52 5.22 -1.65
N ILE A 137 17.34 4.51 -0.56
CA ILE A 137 16.05 4.00 -0.18
C ILE A 137 15.17 5.20 0.14
N LEU A 138 15.60 6.06 1.03
CA LEU A 138 14.89 7.34 1.18
C LEU A 138 14.44 7.87 -0.21
N GLU A 139 15.39 7.98 -1.15
CA GLU A 139 15.13 8.52 -2.50
C GLU A 139 14.02 7.76 -3.25
N LYS A 140 14.20 6.45 -3.37
CA LYS A 140 13.34 5.61 -4.16
C LYS A 140 12.03 5.28 -3.44
N GLU A 141 12.09 5.01 -2.14
CA GLU A 141 10.91 4.49 -1.44
C GLU A 141 10.31 5.38 -0.36
N LYS A 142 10.93 6.51 -0.05
CA LYS A 142 10.44 7.38 1.02
C LYS A 142 10.41 6.63 2.35
N ILE A 143 11.38 5.73 2.55
CA ILE A 143 11.40 4.85 3.69
C ILE A 143 12.73 5.06 4.39
N THR A 144 12.73 5.55 5.62
CA THR A 144 13.99 5.71 6.35
C THR A 144 14.47 4.37 6.91
N VAL A 145 15.79 4.15 6.89
CA VAL A 145 16.37 2.88 7.40
C VAL A 145 17.57 3.14 8.29
N THR A 146 17.85 2.26 9.25
CA THR A 146 19.07 2.39 10.06
C THR A 146 20.14 1.46 9.57
N VAL A 147 21.41 1.86 9.60
CA VAL A 147 22.48 1.02 9.07
C VAL A 147 23.55 0.67 10.09
N GLY A 148 23.91 -0.59 10.20
CA GLY A 148 24.90 -1.02 11.17
C GLY A 148 26.04 -1.68 10.45
N ILE A 149 27.26 -1.32 10.82
CA ILE A 149 28.45 -1.88 10.19
C ILE A 149 29.39 -2.47 11.23
N SER A 150 30.14 -3.49 10.82
CA SER A 150 31.08 -4.15 11.73
C SER A 150 31.73 -5.36 11.06
N LYS A 151 32.71 -5.95 11.74
CA LYS A 151 33.41 -7.12 11.22
C LYS A 151 32.51 -8.34 10.98
N ASN A 152 31.37 -8.44 11.64
CA ASN A 152 30.49 -9.61 11.42
C ASN A 152 29.02 -9.29 11.61
N LYS A 153 28.15 -10.14 11.04
CA LYS A 153 26.67 -10.04 11.19
C LYS A 153 26.20 -9.63 12.60
N VAL A 154 26.70 -10.32 13.63
CA VAL A 154 26.28 -10.08 15.00
C VAL A 154 26.56 -8.64 15.37
N PHE A 155 27.81 -8.23 15.33
CA PHE A 155 28.12 -6.87 15.74
C PHE A 155 27.52 -5.84 14.78
N ALA A 156 27.46 -6.13 13.50
CA ALA A 156 26.88 -5.18 12.57
C ALA A 156 25.47 -4.84 13.01
N LYS A 157 24.78 -5.85 13.50
CA LYS A 157 23.40 -5.66 13.91
C LYS A 157 23.31 -4.92 15.25
N ILE A 158 24.16 -5.24 16.21
CA ILE A 158 24.22 -4.47 17.45
C ILE A 158 24.39 -2.99 17.09
N ALA A 159 25.23 -2.69 16.11
CA ALA A 159 25.43 -1.31 15.71
C ALA A 159 24.10 -0.75 15.25
N ALA A 160 23.43 -1.44 14.35
CA ALA A 160 22.15 -0.95 13.89
C ALA A 160 21.19 -0.76 15.07
N ASP A 161 21.25 -1.66 16.04
CA ASP A 161 20.39 -1.62 17.22
C ASP A 161 20.68 -0.39 18.02
N MET A 162 21.92 0.01 18.01
CA MET A 162 22.34 1.03 18.89
C MET A 162 22.05 2.34 18.26
N ALA A 163 21.77 2.36 16.97
CA ALA A 163 21.66 3.61 16.27
C ALA A 163 20.28 3.92 15.73
N LYS A 164 19.32 3.00 15.90
CA LYS A 164 17.98 3.21 15.32
C LYS A 164 17.10 4.16 16.14
N PRO A 165 16.12 4.88 15.50
CA PRO A 165 15.77 4.88 14.09
C PRO A 165 16.56 5.87 13.19
N ASN A 166 16.26 5.83 11.90
CA ASN A 166 16.98 6.60 10.88
C ASN A 166 18.47 6.81 11.20
N GLY A 167 19.16 5.77 11.68
CA GLY A 167 20.54 5.88 12.19
C GLY A 167 21.63 5.20 11.35
N ILE A 168 22.90 5.47 11.65
CA ILE A 168 23.98 4.85 10.90
C ILE A 168 25.19 4.82 11.80
N LYS A 169 25.52 3.65 12.34
CA LYS A 169 26.64 3.50 13.29
C LYS A 169 27.60 2.51 12.70
N VAL A 170 28.89 2.77 12.89
CA VAL A 170 29.95 1.83 12.53
C VAL A 170 30.41 1.23 13.81
N ILE A 171 31.18 0.17 13.75
CA ILE A 171 31.67 -0.45 14.98
C ILE A 171 33.05 -1.10 14.78
N ASP A 172 34.08 -0.27 14.67
CA ASP A 172 35.47 -0.74 14.47
C ASP A 172 35.85 -1.78 15.52
N ASP A 173 36.85 -2.63 15.22
CA ASP A 173 37.30 -3.66 16.17
C ASP A 173 37.39 -3.06 17.55
N GLU A 174 38.30 -2.10 17.73
CA GLU A 174 38.44 -1.42 19.01
C GLU A 174 37.18 -1.45 19.85
N GLU A 175 36.16 -0.71 19.39
CA GLU A 175 34.88 -0.68 20.09
C GLU A 175 34.40 -2.12 20.26
N VAL A 176 34.48 -2.89 19.19
CA VAL A 176 34.12 -4.33 19.24
C VAL A 176 34.80 -5.03 20.41
N LYS A 177 36.13 -4.86 20.53
CA LYS A 177 36.83 -5.47 21.65
C LYS A 177 36.30 -4.96 22.98
N ARG A 178 35.88 -3.69 23.04
CA ARG A 178 35.25 -3.13 24.23
C ARG A 178 33.93 -3.80 24.57
N LEU A 179 33.08 -4.00 23.56
CA LEU A 179 31.75 -4.51 23.79
C LEU A 179 31.83 -5.93 24.34
N ILE A 180 32.77 -6.71 23.81
CA ILE A 180 33.04 -8.03 24.31
C ILE A 180 33.17 -7.96 25.82
N ARG A 181 33.96 -7.00 26.29
CA ARG A 181 34.18 -6.77 27.72
C ARG A 181 32.98 -6.11 28.39
N GLU A 182 32.46 -5.02 27.80
CA GLU A 182 31.53 -4.11 28.47
C GLU A 182 30.05 -4.19 28.10
N LEU A 183 29.72 -4.73 26.94
CA LEU A 183 28.32 -4.79 26.49
C LEU A 183 27.50 -5.81 27.25
N ASP A 184 26.29 -5.39 27.64
CA ASP A 184 25.41 -6.25 28.39
C ASP A 184 24.95 -7.45 27.58
N ILE A 185 25.05 -8.62 28.21
CA ILE A 185 24.78 -9.90 27.56
C ILE A 185 23.37 -10.10 26.99
N ALA A 186 22.36 -9.50 27.60
CA ALA A 186 20.99 -9.61 27.09
C ALA A 186 20.76 -8.83 25.77
N ASP A 187 21.73 -7.99 25.46
CA ASP A 187 21.72 -7.20 24.25
C ASP A 187 22.41 -7.91 23.10
N VAL A 188 23.05 -9.04 23.39
CA VAL A 188 23.63 -9.85 22.35
C VAL A 188 22.49 -10.48 21.59
N PRO A 189 22.51 -10.37 20.25
CA PRO A 189 21.47 -10.98 19.45
C PRO A 189 21.40 -12.48 19.60
N GLY A 190 20.17 -12.94 19.71
CA GLY A 190 19.84 -14.31 19.99
C GLY A 190 19.42 -14.42 21.44
N ILE A 191 19.95 -13.53 22.28
CA ILE A 191 19.72 -13.60 23.72
C ILE A 191 18.49 -12.81 24.15
N GLY A 192 17.50 -13.58 24.57
CA GLY A 192 16.26 -13.05 25.14
C GLY A 192 16.25 -13.26 26.64
N ASN A 193 15.16 -12.79 27.26
CA ASN A 193 15.04 -12.77 28.72
C ASN A 193 15.26 -14.13 29.36
N ILE A 194 14.59 -15.15 28.81
CA ILE A 194 14.66 -16.51 29.34
C ILE A 194 16.12 -16.95 29.55
N THR A 195 16.92 -16.79 28.51
CA THR A 195 18.32 -17.16 28.51
C THR A 195 19.14 -16.11 29.27
N ALA A 196 18.71 -14.86 29.23
CA ALA A 196 19.36 -13.80 30.00
C ALA A 196 19.28 -14.07 31.51
N GLU A 197 18.11 -14.52 31.97
CA GLU A 197 17.86 -14.81 33.40
C GLU A 197 18.70 -15.99 33.88
N LYS A 198 18.91 -16.96 33.00
CA LYS A 198 19.74 -18.12 33.29
C LYS A 198 21.19 -17.71 33.29
N LEU A 199 21.51 -16.69 32.52
CA LEU A 199 22.88 -16.21 32.43
C LEU A 199 23.28 -15.40 33.67
N LYS A 200 22.38 -14.52 34.12
CA LYS A 200 22.57 -13.78 35.37
C LYS A 200 22.79 -14.74 36.53
N LYS A 201 21.93 -15.76 36.62
CA LYS A 201 22.05 -16.84 37.61
C LYS A 201 23.45 -17.48 37.67
N LEU A 202 24.02 -17.82 36.51
CA LEU A 202 25.39 -18.38 36.44
C LEU A 202 26.43 -17.34 36.81
N GLY A 203 26.05 -16.07 36.64
CA GLY A 203 26.88 -14.96 37.01
C GLY A 203 27.27 -14.13 35.81
N ILE A 204 26.98 -14.64 34.62
CA ILE A 204 27.47 -14.00 33.41
C ILE A 204 26.59 -12.84 32.93
N ASN A 205 27.25 -11.70 32.78
CA ASN A 205 26.58 -10.46 32.44
C ASN A 205 27.13 -9.82 31.19
N LYS A 206 28.36 -10.18 30.84
CA LYS A 206 28.97 -9.67 29.62
C LYS A 206 29.65 -10.80 28.86
N LEU A 207 29.81 -10.63 27.56
CA LEU A 207 30.28 -11.70 26.67
C LEU A 207 31.54 -12.33 27.17
N VAL A 208 32.43 -11.48 27.67
CA VAL A 208 33.75 -11.89 28.09
C VAL A 208 33.67 -12.88 29.23
N ASP A 209 32.63 -12.77 30.04
CA ASP A 209 32.39 -13.61 31.21
C ASP A 209 32.34 -15.11 30.89
N THR A 210 31.89 -15.43 29.68
CA THR A 210 31.79 -16.81 29.23
C THR A 210 33.13 -17.55 29.36
N LEU A 211 34.22 -16.83 29.16
CA LEU A 211 35.57 -17.38 29.21
C LEU A 211 36.10 -17.47 30.66
N SER A 212 35.20 -17.22 31.61
CA SER A 212 35.51 -17.38 33.03
C SER A 212 34.85 -18.64 33.56
N ILE A 213 33.74 -19.02 32.92
CA ILE A 213 33.04 -20.25 33.29
C ILE A 213 33.53 -21.39 32.39
N GLU A 214 33.49 -22.63 32.88
CA GLU A 214 33.79 -23.75 32.01
C GLU A 214 32.73 -23.62 30.90
N PHE A 215 32.77 -24.50 29.91
CA PHE A 215 31.80 -24.44 28.82
C PHE A 215 30.71 -25.51 28.94
N ASP A 216 31.10 -26.69 29.41
CA ASP A 216 30.20 -27.80 29.59
C ASP A 216 29.10 -27.42 30.57
N LYS A 217 29.38 -26.45 31.43
CA LYS A 217 28.33 -26.06 32.33
C LYS A 217 27.27 -25.28 31.59
N LEU A 218 27.74 -24.30 30.85
CA LEU A 218 26.83 -23.39 30.12
C LEU A 218 25.94 -24.24 29.25
N LYS A 219 26.53 -25.24 28.60
CA LYS A 219 25.78 -26.25 27.87
C LYS A 219 24.64 -26.74 28.76
N GLY A 220 24.95 -27.00 30.04
CA GLY A 220 23.93 -27.35 31.04
C GLY A 220 22.67 -26.46 31.00
N MET A 221 22.88 -25.15 30.87
CA MET A 221 21.77 -24.23 31.05
C MET A 221 21.25 -23.56 29.78
N ILE A 222 22.14 -23.34 28.82
CA ILE A 222 21.79 -22.75 27.51
C ILE A 222 21.95 -23.73 26.32
N GLY A 223 22.67 -24.82 26.58
CA GLY A 223 22.86 -25.84 25.56
C GLY A 223 24.04 -25.43 24.70
N GLU A 224 24.86 -26.41 24.34
CA GLU A 224 26.03 -26.15 23.52
C GLU A 224 25.77 -25.11 22.43
N ALA A 225 24.65 -25.24 21.74
CA ALA A 225 24.37 -24.37 20.60
C ALA A 225 24.69 -22.91 20.88
N LYS A 226 23.94 -22.27 21.77
CA LYS A 226 24.25 -20.92 22.23
C LYS A 226 25.55 -20.82 23.02
N ALA A 227 25.99 -21.95 23.57
CA ALA A 227 27.21 -22.00 24.35
C ALA A 227 28.41 -21.80 23.46
N LYS A 228 28.44 -22.44 22.30
CA LYS A 228 29.50 -22.15 21.34
C LYS A 228 29.39 -20.72 20.81
N TYR A 229 28.14 -20.30 20.53
CA TYR A 229 27.86 -19.01 19.92
C TYR A 229 28.47 -17.85 20.68
N LEU A 230 28.20 -17.79 21.99
CA LEU A 230 28.63 -16.66 22.80
C LEU A 230 30.12 -16.68 22.95
N ILE A 231 30.68 -17.84 23.27
CA ILE A 231 32.12 -17.99 23.38
C ILE A 231 32.81 -17.56 22.09
N SER A 232 32.14 -17.80 20.97
CA SER A 232 32.68 -17.47 19.65
C SER A 232 32.82 -15.97 19.44
N LEU A 233 31.77 -15.25 19.82
CA LEU A 233 31.76 -13.80 19.72
C LEU A 233 32.78 -13.21 20.67
N ALA A 234 32.74 -13.68 21.92
CA ALA A 234 33.65 -13.25 22.97
C ALA A 234 35.07 -13.40 22.50
N ARG A 235 35.37 -14.53 21.88
CA ARG A 235 36.70 -14.82 21.40
C ARG A 235 37.15 -13.83 20.34
N ASP A 236 36.20 -13.15 19.70
CA ASP A 236 36.48 -12.25 18.59
C ASP A 236 36.73 -13.13 17.38
N GLU A 237 36.66 -14.44 17.61
CA GLU A 237 36.95 -15.41 16.57
C GLU A 237 35.68 -15.86 15.86
N TYR A 238 34.66 -15.01 15.87
CA TYR A 238 33.41 -15.36 15.20
C TYR A 238 33.39 -14.88 13.77
N ASN A 239 32.86 -15.73 12.91
CA ASN A 239 32.75 -15.45 11.50
C ASN A 239 31.74 -16.41 10.88
N GLU A 240 30.60 -15.88 10.47
CA GLU A 240 29.67 -16.63 9.67
C GLU A 240 29.43 -15.75 8.47
N PRO A 241 29.80 -16.23 7.28
CA PRO A 241 29.66 -15.45 6.08
C PRO A 241 28.18 -15.29 5.80
N ILE A 242 27.86 -14.35 4.92
CA ILE A 242 26.51 -14.09 4.49
C ILE A 242 25.97 -15.24 3.65
N ARG A 243 25.39 -16.22 4.34
CA ARG A 243 24.55 -17.25 3.72
C ARG A 243 23.46 -16.48 2.95
N THR A 244 22.61 -17.16 2.20
CA THR A 244 21.43 -16.47 1.71
C THR A 244 20.30 -17.43 1.99
N ARG A 245 20.24 -17.87 3.23
CA ARG A 245 19.23 -18.81 3.66
C ARG A 245 17.99 -18.44 2.92
N VAL A 246 17.47 -19.40 2.17
CA VAL A 246 16.17 -19.24 1.58
C VAL A 246 15.20 -19.99 2.45
N ARG A 247 14.01 -19.46 2.56
CA ARG A 247 13.07 -19.98 3.52
C ARG A 247 13.20 -21.49 3.65
N LYS A 248 13.16 -21.97 4.88
CA LYS A 248 13.20 -23.39 5.20
C LYS A 248 11.91 -23.96 5.76
N SER A 249 10.88 -23.11 5.83
CA SER A 249 9.59 -23.40 6.46
C SER A 249 8.55 -22.33 6.05
N ILE A 250 7.34 -22.74 5.68
CA ILE A 250 6.25 -21.83 5.30
C ILE A 250 4.99 -22.26 6.06
N GLY A 251 4.39 -21.31 6.76
CA GLY A 251 3.16 -21.62 7.48
C GLY A 251 2.13 -20.51 7.62
N ARG A 252 1.04 -20.88 8.30
CA ARG A 252 -0.02 -19.98 8.72
C ARG A 252 -0.64 -20.44 10.02
N ILE A 253 -0.87 -19.51 10.94
CA ILE A 253 -1.79 -19.77 12.07
C ILE A 253 -2.86 -18.68 12.11
N VAL A 254 -4.08 -19.01 12.54
CA VAL A 254 -5.19 -18.06 12.55
C VAL A 254 -5.94 -18.17 13.85
N THR A 255 -6.64 -17.11 14.22
CA THR A 255 -7.33 -17.02 15.51
C THR A 255 -8.82 -17.24 15.36
N MET A 256 -9.30 -18.31 15.92
CA MET A 256 -10.73 -18.59 15.78
C MET A 256 -11.58 -17.59 16.58
N LYS A 257 -12.78 -17.26 16.10
CA LYS A 257 -13.72 -16.35 16.80
C LYS A 257 -14.23 -16.95 18.13
N ARG A 258 -13.75 -18.12 18.52
CA ARG A 258 -14.16 -18.74 19.76
C ARG A 258 -13.34 -19.99 19.98
N ASN A 259 -13.09 -20.36 21.23
CA ASN A 259 -12.33 -21.57 21.52
C ASN A 259 -13.15 -22.77 21.11
N SER A 260 -12.51 -23.85 20.64
CA SER A 260 -13.26 -25.04 20.18
C SER A 260 -12.65 -26.42 20.50
N ARG A 261 -13.50 -27.43 20.49
CA ARG A 261 -13.09 -28.82 20.48
C ARG A 261 -13.98 -29.60 19.49
N ASN A 262 -14.81 -28.87 18.75
CA ASN A 262 -15.60 -29.49 17.67
C ASN A 262 -15.00 -29.22 16.29
N LEU A 263 -14.51 -30.27 15.62
CA LEU A 263 -13.94 -30.12 14.26
C LEU A 263 -14.67 -29.23 13.26
N GLU A 264 -15.88 -29.65 12.86
CA GLU A 264 -16.67 -28.88 11.91
C GLU A 264 -16.49 -27.42 12.25
N GLU A 265 -16.46 -27.12 13.56
CA GLU A 265 -16.20 -25.75 14.01
C GLU A 265 -14.80 -25.28 13.61
N ILE A 266 -13.80 -26.07 13.97
CA ILE A 266 -12.40 -25.75 13.67
C ILE A 266 -12.08 -25.86 12.19
N LYS A 267 -12.53 -26.96 11.57
CA LYS A 267 -12.31 -27.26 10.15
C LYS A 267 -12.23 -26.11 9.12
N PRO A 268 -13.09 -25.08 9.23
CA PRO A 268 -13.13 -24.07 8.17
C PRO A 268 -11.95 -23.15 8.32
N TYR A 269 -11.39 -23.07 9.53
CA TYR A 269 -10.21 -22.27 9.79
C TYR A 269 -9.02 -22.98 9.22
N LEU A 270 -8.85 -24.22 9.67
CA LEU A 270 -7.72 -25.04 9.27
C LEU A 270 -7.49 -25.03 7.77
N PHE A 271 -8.57 -25.01 7.00
CA PHE A 271 -8.41 -24.97 5.55
C PHE A 271 -8.07 -23.58 5.13
N ARG A 272 -8.78 -22.59 5.67
CA ARG A 272 -8.49 -21.18 5.41
C ARG A 272 -6.98 -20.93 5.56
N ALA A 273 -6.40 -21.57 6.58
CA ALA A 273 -4.95 -21.57 6.77
C ALA A 273 -4.26 -22.32 5.62
N ILE A 274 -4.64 -23.56 5.40
CA ILE A 274 -4.03 -24.42 4.36
C ILE A 274 -3.98 -23.74 2.99
N GLU A 275 -5.08 -23.13 2.59
CA GLU A 275 -5.16 -22.48 1.30
C GLU A 275 -4.13 -21.38 1.20
N GLU A 276 -4.04 -20.54 2.24
CA GLU A 276 -3.03 -19.49 2.28
C GLU A 276 -1.63 -20.07 2.23
N SER A 277 -1.37 -21.07 3.07
CA SER A 277 -0.04 -21.65 3.17
C SER A 277 0.44 -22.13 1.83
N TYR A 278 -0.49 -22.59 1.01
CA TYR A 278 -0.13 -23.06 -0.31
C TYR A 278 0.17 -21.95 -1.28
N TYR A 279 -0.66 -20.90 -1.26
CA TYR A 279 -0.34 -19.69 -2.02
C TYR A 279 1.06 -19.16 -1.66
N LYS A 280 1.38 -19.09 -0.37
CA LYS A 280 2.71 -18.68 0.12
C LYS A 280 3.83 -19.59 -0.36
N LEU A 281 3.50 -20.84 -0.67
CA LEU A 281 4.48 -21.83 -1.09
C LEU A 281 4.87 -21.71 -2.57
N ASP A 282 3.87 -21.48 -3.40
CA ASP A 282 4.05 -21.37 -4.86
C ASP A 282 4.68 -22.63 -5.46
N LYS A 283 5.84 -22.46 -6.10
CA LYS A 283 6.48 -23.52 -6.87
C LYS A 283 7.22 -24.50 -5.96
N ARG A 284 7.19 -24.23 -4.66
CA ARG A 284 7.86 -25.10 -3.72
C ARG A 284 6.96 -26.24 -3.22
N ILE A 285 7.49 -27.45 -3.10
CA ILE A 285 6.68 -28.61 -2.69
C ILE A 285 7.27 -29.22 -1.43
N PRO A 286 6.49 -29.26 -0.34
CA PRO A 286 6.95 -29.73 0.97
C PRO A 286 6.82 -31.21 1.18
N LYS A 287 7.77 -31.80 1.90
CA LYS A 287 7.70 -33.21 2.20
C LYS A 287 7.04 -33.47 3.55
N ALA A 288 6.77 -32.40 4.31
CA ALA A 288 6.26 -32.54 5.68
C ALA A 288 5.18 -31.52 6.04
N ILE A 289 4.18 -31.99 6.79
CA ILE A 289 3.12 -31.12 7.27
C ILE A 289 3.03 -31.15 8.80
N HIS A 290 2.58 -30.05 9.38
CA HIS A 290 2.43 -29.94 10.80
C HIS A 290 1.26 -29.09 11.12
N VAL A 291 0.35 -29.64 11.92
CA VAL A 291 -0.80 -28.90 12.43
C VAL A 291 -0.48 -28.34 13.83
N VAL A 292 -0.38 -27.02 13.93
CA VAL A 292 -0.13 -26.33 15.20
C VAL A 292 -1.43 -25.76 15.78
N ALA A 293 -1.63 -25.92 17.09
CA ALA A 293 -2.81 -25.42 17.81
C ALA A 293 -2.42 -24.70 19.08
N VAL A 294 -2.76 -23.42 19.21
CA VAL A 294 -2.58 -22.69 20.47
C VAL A 294 -3.82 -22.96 21.30
N THR A 295 -3.66 -23.52 22.51
CA THR A 295 -4.78 -23.93 23.37
C THR A 295 -5.41 -22.77 24.10
N GLU A 296 -6.65 -22.92 24.56
CA GLU A 296 -7.23 -21.95 25.52
C GLU A 296 -6.18 -21.63 26.58
N ASP A 297 -5.17 -22.46 26.71
CA ASP A 297 -4.12 -22.15 27.69
C ASP A 297 -2.91 -21.54 26.99
N LEU A 298 -2.43 -22.17 25.93
CA LEU A 298 -1.28 -21.62 25.23
C LEU A 298 -0.12 -22.62 25.18
N ASP A 299 -0.42 -23.87 25.53
CA ASP A 299 0.59 -24.92 25.54
C ASP A 299 1.04 -25.22 24.12
N ILE A 300 0.64 -24.37 23.17
CA ILE A 300 1.05 -24.53 21.78
C ILE A 300 1.34 -25.91 21.19
N VAL A 301 0.41 -26.83 21.39
CA VAL A 301 0.56 -28.22 20.94
C VAL A 301 0.62 -28.41 19.42
N SER A 302 1.31 -29.45 18.96
CA SER A 302 1.39 -29.75 17.52
C SER A 302 1.64 -31.23 17.19
N ARG A 303 0.83 -31.79 16.30
CA ARG A 303 1.10 -33.10 15.75
C ARG A 303 1.43 -32.94 14.26
N GLY A 304 2.39 -33.71 13.75
CA GLY A 304 2.78 -33.64 12.32
C GLY A 304 3.04 -34.95 11.59
N ARG A 305 3.67 -34.84 10.42
CA ARG A 305 4.06 -36.01 9.59
C ARG A 305 5.03 -35.61 8.43
N THR A 306 6.03 -36.45 8.16
CA THR A 306 6.83 -36.29 6.95
C THR A 306 6.56 -37.45 5.98
N PHE A 307 6.17 -37.13 4.75
CA PHE A 307 5.93 -38.16 3.75
C PHE A 307 7.23 -38.34 3.01
N PRO A 308 7.43 -39.51 2.37
CA PRO A 308 8.62 -39.67 1.58
C PRO A 308 8.49 -39.04 0.20
N HIS A 309 7.37 -38.37 -0.07
CA HIS A 309 7.12 -37.68 -1.35
C HIS A 309 6.52 -36.33 -1.10
N GLY A 310 6.24 -35.58 -2.14
CA GLY A 310 5.64 -34.26 -1.96
C GLY A 310 4.19 -34.29 -1.50
N ILE A 311 3.77 -33.21 -0.84
CA ILE A 311 2.37 -33.07 -0.38
C ILE A 311 1.53 -32.17 -1.28
N SER A 312 0.57 -32.77 -1.99
CA SER A 312 -0.33 -32.03 -2.84
C SER A 312 -1.34 -31.38 -1.95
N LYS A 313 -1.86 -30.23 -2.37
CA LYS A 313 -2.85 -29.47 -1.59
C LYS A 313 -3.88 -30.46 -1.08
N GLU A 314 -4.41 -31.28 -1.98
CA GLU A 314 -5.43 -32.23 -1.60
C GLU A 314 -4.99 -33.14 -0.45
N THR A 315 -3.71 -33.51 -0.40
CA THR A 315 -3.20 -34.40 0.64
C THR A 315 -2.98 -33.65 1.93
N ALA A 316 -2.79 -32.33 1.80
CA ALA A 316 -2.58 -31.41 2.92
C ALA A 316 -3.88 -31.26 3.70
N TYR A 317 -4.99 -31.06 2.98
CA TYR A 317 -6.29 -31.34 3.54
C TYR A 317 -6.22 -32.83 3.83
N SER A 318 -7.20 -33.38 4.52
CA SER A 318 -7.07 -34.72 5.08
C SER A 318 -6.06 -35.02 6.20
N GLU A 319 -4.83 -35.39 5.84
CA GLU A 319 -3.76 -35.52 6.84
C GLU A 319 -3.89 -34.52 8.01
N SER A 320 -4.05 -33.24 7.69
CA SER A 320 -4.28 -32.20 8.70
C SER A 320 -5.44 -32.53 9.62
N VAL A 321 -6.54 -32.92 9.01
CA VAL A 321 -7.71 -33.33 9.78
C VAL A 321 -7.41 -34.55 10.64
N LYS A 322 -6.59 -35.47 10.14
CA LYS A 322 -6.03 -36.55 10.95
C LYS A 322 -5.18 -36.01 12.09
N LEU A 323 -4.34 -35.01 11.78
CA LEU A 323 -3.42 -34.48 12.76
C LEU A 323 -4.15 -33.59 13.75
N LEU A 324 -5.26 -33.01 13.33
CA LEU A 324 -6.06 -32.21 14.24
C LEU A 324 -6.75 -33.12 15.23
N GLN A 325 -7.27 -34.24 14.72
CA GLN A 325 -7.85 -35.28 15.54
C GLN A 325 -6.82 -35.88 16.51
N LYS A 326 -5.59 -36.01 16.04
CA LYS A 326 -4.52 -36.54 16.87
C LYS A 326 -4.36 -35.67 18.11
N ILE A 327 -4.49 -34.36 17.93
CA ILE A 327 -4.41 -33.42 19.02
C ILE A 327 -5.68 -33.53 19.87
N LEU A 328 -6.81 -33.65 19.20
CA LEU A 328 -8.10 -33.68 19.88
C LEU A 328 -8.33 -34.95 20.65
N GLU A 329 -7.60 -35.13 21.76
CA GLU A 329 -7.79 -36.31 22.59
C GLU A 329 -6.52 -36.87 23.27
N GLU A 330 -5.42 -36.12 23.21
CA GLU A 330 -4.19 -36.53 23.87
C GLU A 330 -4.24 -35.59 25.07
N ASP A 331 -4.21 -34.29 24.80
CA ASP A 331 -4.26 -33.28 25.85
C ASP A 331 -5.66 -33.23 26.46
N GLU A 332 -6.56 -32.53 25.79
CA GLU A 332 -7.94 -32.45 26.24
C GLU A 332 -8.39 -31.00 26.47
N ARG A 333 -7.54 -30.04 26.10
CA ARG A 333 -7.90 -28.63 26.27
C ARG A 333 -8.49 -28.04 24.99
N LYS A 334 -9.18 -26.91 25.14
CA LYS A 334 -9.79 -26.22 24.00
C LYS A 334 -8.91 -25.32 23.13
N ILE A 335 -9.31 -25.08 21.89
CA ILE A 335 -8.38 -24.48 20.91
C ILE A 335 -8.59 -22.97 20.70
N ARG A 336 -7.51 -22.20 20.83
CA ARG A 336 -7.58 -20.76 20.61
C ARG A 336 -7.30 -20.45 19.15
N ARG A 337 -6.05 -20.65 18.72
CA ARG A 337 -5.66 -20.46 17.36
C ARG A 337 -5.40 -21.85 16.82
N ILE A 338 -5.35 -21.97 15.50
CA ILE A 338 -5.09 -23.22 14.79
C ILE A 338 -4.33 -22.91 13.52
N GLY A 339 -3.58 -23.88 13.00
CA GLY A 339 -2.80 -23.68 11.78
C GLY A 339 -1.93 -24.82 11.26
N VAL A 340 -1.19 -24.52 10.21
CA VAL A 340 -0.38 -25.51 9.54
C VAL A 340 0.99 -25.01 9.19
N ARG A 341 1.97 -25.90 9.20
CA ARG A 341 3.36 -25.55 8.85
C ARG A 341 4.05 -26.65 8.01
N PHE A 342 4.65 -26.20 6.90
CA PHE A 342 5.25 -27.07 5.92
C PHE A 342 6.76 -26.93 5.88
N SER A 343 7.46 -28.02 5.63
CA SER A 343 8.90 -28.02 5.76
C SER A 343 9.46 -29.02 4.80
N LYS A 344 10.77 -29.23 4.84
CA LYS A 344 11.39 -30.39 4.20
C LYS A 344 11.24 -30.37 2.69
N PHE A 345 11.37 -29.17 2.10
CA PHE A 345 11.10 -28.94 0.67
C PHE A 345 11.96 -29.77 -0.29
N ILE A 346 11.44 -29.95 -1.50
CA ILE A 346 12.14 -30.69 -2.54
C ILE A 346 12.99 -29.75 -3.41
N GLU A 347 14.29 -29.90 -3.25
CA GLU A 347 15.31 -29.12 -3.96
C GLU A 347 15.24 -29.30 -5.49
N MET B 6 -8.05 28.07 -34.17
CA MET B 6 -7.44 27.46 -32.99
C MET B 6 -6.51 26.31 -33.38
N ILE B 7 -5.22 26.51 -33.16
CA ILE B 7 -4.22 25.50 -33.52
C ILE B 7 -4.54 24.15 -32.91
N PHE B 10 -5.50 16.93 -27.88
CA PHE B 10 -4.95 16.98 -26.53
C PHE B 10 -4.06 15.76 -26.25
N VAL B 11 -3.64 15.61 -25.01
CA VAL B 11 -2.80 14.49 -24.61
C VAL B 11 -3.41 13.79 -23.42
N ASP B 12 -3.48 12.48 -23.50
CA ASP B 12 -3.88 11.66 -22.37
C ASP B 12 -2.78 10.63 -22.12
N PHE B 13 -2.16 10.69 -20.93
CA PHE B 13 -1.13 9.73 -20.54
C PHE B 13 -1.78 8.35 -20.44
N ASP B 14 -1.37 7.44 -21.34
CA ASP B 14 -1.97 6.11 -21.48
C ASP B 14 -1.76 5.24 -20.21
N TYR B 15 -2.84 4.61 -19.70
CA TYR B 15 -2.80 3.72 -18.52
C TYR B 15 -1.92 4.28 -17.40
N PHE B 16 -2.22 5.51 -16.93
CA PHE B 16 -1.20 6.32 -16.23
C PHE B 16 -0.52 5.72 -14.99
N TYR B 17 -1.30 5.49 -13.94
CA TYR B 17 -0.84 4.68 -12.83
C TYR B 17 -0.61 3.34 -13.51
N ALA B 18 -0.04 2.38 -12.81
CA ALA B 18 0.26 1.15 -13.47
C ALA B 18 1.42 1.42 -14.38
N GLN B 19 1.27 2.26 -15.40
CA GLN B 19 2.38 2.59 -16.29
C GLN B 19 3.49 3.30 -15.52
N VAL B 20 3.14 4.25 -14.64
CA VAL B 20 4.12 4.88 -13.69
C VAL B 20 4.79 3.82 -12.83
N GLU B 21 3.98 2.97 -12.19
CA GLU B 21 4.45 1.86 -11.37
C GLU B 21 5.41 0.95 -12.12
N GLU B 22 5.13 0.75 -13.40
CA GLU B 22 5.92 -0.12 -14.26
C GLU B 22 7.27 0.52 -14.50
N VAL B 23 7.24 1.84 -14.62
CA VAL B 23 8.44 2.62 -14.80
C VAL B 23 9.28 2.50 -13.53
N LEU B 24 8.62 2.48 -12.37
CA LEU B 24 9.27 2.31 -11.07
C LEU B 24 9.53 0.85 -10.67
N ASN B 25 9.01 -0.10 -11.42
CA ASN B 25 9.33 -1.49 -11.22
C ASN B 25 9.33 -2.24 -12.53
N PRO B 26 10.43 -2.21 -13.28
CA PRO B 26 10.56 -2.86 -14.59
C PRO B 26 10.11 -4.32 -14.69
N SER B 27 10.14 -5.08 -13.60
CA SER B 27 9.71 -6.49 -13.65
C SER B 27 8.22 -6.67 -13.94
N LEU B 28 7.44 -5.63 -13.65
CA LEU B 28 5.99 -5.67 -13.79
C LEU B 28 5.56 -5.34 -15.23
N LYS B 29 6.50 -4.94 -16.08
CA LYS B 29 6.20 -4.67 -17.49
C LYS B 29 5.96 -5.98 -18.24
N GLY B 30 4.81 -6.07 -18.90
CA GLY B 30 4.44 -7.28 -19.60
C GLY B 30 3.50 -8.12 -18.78
N LYS B 31 3.19 -7.66 -17.59
CA LYS B 31 2.27 -8.36 -16.73
C LYS B 31 1.02 -7.49 -16.52
N PRO B 32 -0.11 -8.14 -16.25
CA PRO B 32 -1.29 -7.35 -15.97
C PRO B 32 -1.16 -6.70 -14.60
N VAL B 33 -1.15 -5.38 -14.57
CA VAL B 33 -1.04 -4.60 -13.35
C VAL B 33 -2.34 -3.82 -13.07
N VAL B 34 -2.71 -3.78 -11.79
CA VAL B 34 -3.96 -3.20 -11.33
C VAL B 34 -3.65 -2.29 -10.13
N VAL B 35 -3.79 -0.97 -10.30
CA VAL B 35 -3.73 -0.04 -9.16
C VAL B 35 -5.08 0.00 -8.47
N CYS B 36 -5.07 0.00 -7.13
CA CYS B 36 -6.28 -0.13 -6.35
C CYS B 36 -6.39 0.96 -5.29
N VAL B 37 -7.61 1.13 -4.77
CA VAL B 37 -7.84 1.80 -3.50
C VAL B 37 -8.54 0.81 -2.59
N PHE B 38 -8.06 0.57 -1.37
CA PHE B 38 -8.91 -0.15 -0.39
C PHE B 38 -9.92 0.81 0.28
N SER B 39 -10.98 0.28 0.89
CA SER B 39 -11.89 1.10 1.70
C SER B 39 -11.45 1.02 3.16
N GLY B 40 -11.57 -0.18 3.72
CA GLY B 40 -11.20 -0.43 5.11
C GLY B 40 -12.09 -1.51 5.67
N ARG B 41 -13.31 -1.57 5.14
CA ARG B 41 -14.28 -2.54 5.58
C ARG B 41 -13.80 -3.86 5.06
N PHE B 42 -13.63 -4.83 5.94
CA PHE B 42 -13.10 -6.08 5.46
C PHE B 42 -11.77 -6.60 4.98
N GLU B 43 -11.27 -6.03 3.89
CA GLU B 43 -10.01 -6.46 3.32
C GLU B 43 -10.25 -5.54 2.12
N ASP B 44 -9.21 -5.30 1.34
CA ASP B 44 -9.29 -4.42 0.18
C ASP B 44 -10.54 -4.63 -0.65
N SER B 45 -11.65 -4.07 -0.20
CA SER B 45 -12.90 -4.13 -0.94
C SER B 45 -13.24 -2.74 -1.47
N GLY B 46 -12.22 -2.01 -1.91
CA GLY B 46 -12.38 -0.66 -2.39
C GLY B 46 -12.80 -0.55 -3.84
N ALA B 47 -11.83 -0.68 -4.74
CA ALA B 47 -12.10 -0.50 -6.18
C ALA B 47 -10.80 -0.62 -6.98
N VAL B 48 -10.91 -0.57 -8.30
CA VAL B 48 -9.74 -0.49 -9.17
C VAL B 48 -9.53 0.95 -9.57
N ALA B 49 -8.32 1.45 -9.35
CA ALA B 49 -7.96 2.78 -9.81
C ALA B 49 -7.76 2.77 -11.31
N THR B 50 -6.72 2.11 -11.79
CA THR B 50 -6.41 2.09 -13.21
C THR B 50 -5.55 0.87 -13.56
N ALA B 51 -5.95 0.09 -14.55
CA ALA B 51 -5.15 -1.11 -14.88
C ALA B 51 -4.40 -0.90 -16.17
N ASN B 52 -3.31 -1.63 -16.37
CA ASN B 52 -2.59 -1.52 -17.65
C ASN B 52 -3.28 -2.30 -18.76
N TYR B 53 -2.71 -2.30 -19.97
CA TYR B 53 -3.39 -2.87 -21.16
C TYR B 53 -3.62 -4.33 -20.96
N GLU B 54 -2.68 -4.95 -20.26
CA GLU B 54 -2.65 -6.38 -20.12
C GLU B 54 -3.73 -6.86 -19.20
N ALA B 55 -4.06 -6.10 -18.18
CA ALA B 55 -5.20 -6.46 -17.36
C ALA B 55 -6.48 -6.01 -18.00
N ARG B 56 -6.46 -4.87 -18.66
CA ARG B 56 -7.68 -4.25 -19.21
C ARG B 56 -8.36 -5.14 -20.21
N LYS B 57 -7.56 -5.70 -21.10
CA LYS B 57 -8.04 -6.54 -22.21
C LYS B 57 -8.84 -7.77 -21.80
N PHE B 58 -8.64 -8.21 -20.56
CA PHE B 58 -9.41 -9.30 -20.00
C PHE B 58 -10.62 -8.82 -19.19
N GLY B 59 -10.90 -7.51 -19.25
CA GLY B 59 -12.07 -6.97 -18.64
C GLY B 59 -11.81 -6.29 -17.32
N VAL B 60 -10.57 -6.29 -16.85
CA VAL B 60 -10.25 -5.53 -15.65
C VAL B 60 -10.01 -4.06 -15.98
N LYS B 61 -11.03 -3.23 -15.84
CA LYS B 61 -10.92 -1.80 -16.13
C LYS B 61 -11.18 -0.99 -14.87
N ALA B 62 -10.93 0.33 -14.93
CA ALA B 62 -11.14 1.18 -13.79
C ALA B 62 -12.52 1.00 -13.19
N GLY B 63 -12.58 1.07 -11.87
CA GLY B 63 -13.86 1.16 -11.20
C GLY B 63 -14.56 -0.15 -10.83
N ILE B 64 -14.13 -1.26 -11.41
CA ILE B 64 -14.63 -2.55 -10.91
C ILE B 64 -14.14 -2.86 -9.50
N PRO B 65 -14.98 -3.56 -8.75
CA PRO B 65 -14.59 -3.87 -7.39
C PRO B 65 -13.43 -4.86 -7.39
N ILE B 66 -12.48 -4.67 -6.48
CA ILE B 66 -11.30 -5.52 -6.40
C ILE B 66 -11.59 -7.03 -6.35
N VAL B 67 -12.76 -7.43 -5.85
CA VAL B 67 -13.09 -8.85 -5.84
C VAL B 67 -13.39 -9.41 -7.23
N GLU B 68 -14.19 -8.66 -8.00
CA GLU B 68 -14.45 -8.99 -9.39
C GLU B 68 -13.13 -9.07 -10.16
N ALA B 69 -12.33 -8.01 -10.04
CA ALA B 69 -10.99 -7.95 -10.63
C ALA B 69 -10.24 -9.25 -10.37
N LYS B 70 -10.35 -9.73 -9.13
CA LYS B 70 -9.61 -10.90 -8.70
C LYS B 70 -10.18 -12.19 -9.24
N LYS B 71 -11.51 -12.20 -9.40
CA LYS B 71 -12.20 -13.34 -9.95
C LYS B 71 -11.80 -13.50 -11.41
N ILE B 72 -11.33 -12.42 -12.01
CA ILE B 72 -10.93 -12.45 -13.42
C ILE B 72 -9.47 -12.82 -13.63
N LEU B 73 -8.59 -12.16 -12.87
CA LEU B 73 -7.15 -12.32 -12.97
C LEU B 73 -6.55 -12.46 -11.58
N PRO B 74 -6.70 -13.65 -10.99
CA PRO B 74 -6.17 -13.84 -9.65
C PRO B 74 -4.63 -13.78 -9.59
N ASN B 75 -3.94 -14.13 -10.67
CA ASN B 75 -2.49 -14.08 -10.64
C ASN B 75 -1.89 -12.71 -10.96
N ALA B 76 -2.72 -11.80 -11.48
CA ALA B 76 -2.29 -10.44 -11.83
C ALA B 76 -1.81 -9.67 -10.62
N VAL B 77 -1.17 -8.52 -10.87
CA VAL B 77 -0.41 -7.79 -9.85
C VAL B 77 -1.18 -6.61 -9.32
N TYR B 78 -1.63 -6.68 -8.07
CA TYR B 78 -2.49 -5.65 -7.50
C TYR B 78 -1.69 -4.69 -6.59
N LEU B 79 -1.72 -3.38 -6.86
CA LEU B 79 -0.92 -2.43 -6.07
C LEU B 79 -1.74 -1.28 -5.49
N PRO B 80 -1.31 -0.73 -4.34
CA PRO B 80 -2.00 0.39 -3.67
C PRO B 80 -1.77 1.72 -4.35
N MET B 81 -2.79 2.57 -4.36
CA MET B 81 -2.65 3.87 -4.99
C MET B 81 -1.63 4.74 -4.29
N ARG B 82 -0.63 5.15 -5.07
CA ARG B 82 0.40 6.09 -4.59
C ARG B 82 0.17 7.47 -5.23
N LYS B 83 -1.04 8.02 -5.04
CA LYS B 83 -1.51 9.21 -5.75
C LYS B 83 -0.42 10.28 -5.92
N GLU B 84 0.39 10.45 -4.88
CA GLU B 84 1.44 11.46 -4.81
C GLU B 84 2.66 11.12 -5.68
N VAL B 85 2.93 9.84 -5.93
CA VAL B 85 4.02 9.48 -6.85
C VAL B 85 3.60 9.82 -8.29
N TYR B 86 2.41 9.37 -8.67
CA TYR B 86 1.80 9.70 -9.92
C TYR B 86 1.65 11.22 -10.03
N GLN B 87 1.43 11.89 -8.91
CA GLN B 87 1.24 13.33 -8.92
C GLN B 87 2.51 14.08 -9.28
N GLN B 88 3.63 13.65 -8.70
CA GLN B 88 4.95 14.16 -9.07
C GLN B 88 5.19 14.03 -10.56
N VAL B 89 5.09 12.78 -11.00
CA VAL B 89 5.32 12.41 -12.36
C VAL B 89 4.40 13.17 -13.30
N SER B 90 3.21 13.54 -12.83
CA SER B 90 2.29 14.33 -13.64
C SER B 90 2.80 15.74 -13.81
N SER B 91 2.92 16.46 -12.70
CA SER B 91 3.38 17.83 -12.76
C SER B 91 4.73 18.01 -13.44
N ARG B 92 5.64 17.03 -13.31
CA ARG B 92 6.95 17.09 -14.01
C ARG B 92 6.77 16.93 -15.52
N ILE B 93 5.69 16.27 -15.93
CA ILE B 93 5.34 16.13 -17.35
C ILE B 93 4.47 17.29 -17.83
N MET B 94 3.62 17.77 -16.94
CA MET B 94 2.77 18.92 -17.19
C MET B 94 3.60 20.17 -17.46
N ASN B 95 4.45 20.56 -16.51
CA ASN B 95 5.39 21.69 -16.72
C ASN B 95 6.10 21.62 -18.05
N LEU B 96 6.53 20.41 -18.39
CA LEU B 96 7.25 20.15 -19.63
C LEU B 96 6.35 20.42 -20.82
N LEU B 97 5.13 19.88 -20.79
CA LEU B 97 4.14 20.11 -21.84
C LEU B 97 3.63 21.59 -21.90
N ARG B 98 3.89 22.37 -20.85
CA ARG B 98 3.58 23.81 -20.84
C ARG B 98 4.58 24.60 -21.69
N GLU B 99 5.80 24.07 -21.78
CA GLU B 99 6.83 24.62 -22.67
C GLU B 99 6.60 24.07 -24.09
N TYR B 100 5.38 24.21 -24.57
CA TYR B 100 5.01 23.88 -25.93
C TYR B 100 3.83 24.74 -26.37
N SER B 101 3.50 25.70 -25.51
CA SER B 101 2.30 26.52 -25.59
C SER B 101 2.04 27.03 -24.18
N GLU B 102 1.98 28.36 -24.02
CA GLU B 102 2.00 28.99 -22.69
C GLU B 102 0.50 29.02 -22.45
N LYS B 103 -0.25 28.69 -23.49
CA LYS B 103 -1.71 28.63 -23.42
C LYS B 103 -2.21 27.21 -23.21
N ILE B 104 -1.54 26.47 -22.33
CA ILE B 104 -1.86 25.07 -21.99
C ILE B 104 -2.87 24.97 -20.85
N GLU B 105 -3.50 23.81 -20.74
CA GLU B 105 -4.57 23.64 -19.79
C GLU B 105 -4.66 22.20 -19.29
N ILE B 106 -4.24 21.99 -18.03
CA ILE B 106 -4.26 20.69 -17.38
C ILE B 106 -5.66 20.39 -16.84
N ALA B 107 -6.24 19.29 -17.33
CA ALA B 107 -7.65 18.91 -17.10
C ALA B 107 -7.95 17.87 -16.01
N SER B 108 -7.00 16.95 -15.85
CA SER B 108 -6.98 15.93 -14.82
C SER B 108 -5.68 15.13 -14.87
N ILE B 109 -4.89 15.29 -13.83
CA ILE B 109 -3.68 14.50 -13.63
C ILE B 109 -3.05 14.04 -14.94
N ASP B 110 -3.61 12.98 -15.52
CA ASP B 110 -2.98 12.41 -16.72
C ASP B 110 -3.41 13.10 -18.03
N GLU B 111 -3.98 14.30 -17.93
CA GLU B 111 -4.54 14.99 -19.09
C GLU B 111 -4.01 16.41 -19.26
N ALA B 112 -3.98 16.86 -20.51
CA ALA B 112 -3.57 18.22 -20.88
C ALA B 112 -4.25 18.63 -22.17
N TYR B 113 -4.59 19.90 -22.29
CA TYR B 113 -5.12 20.42 -23.54
C TYR B 113 -4.12 21.28 -24.27
N LEU B 114 -3.53 20.66 -25.30
CA LEU B 114 -2.60 21.29 -26.21
C LEU B 114 -3.42 22.53 -26.45
N ASP B 115 -2.90 23.67 -25.96
CA ASP B 115 -3.57 24.95 -26.11
C ASP B 115 -4.89 24.85 -26.86
N ASP B 122 -3.17 26.48 -39.33
CA ASP B 122 -1.91 26.01 -39.88
C ASP B 122 -2.08 24.68 -40.61
N TYR B 123 -0.96 24.01 -40.86
CA TYR B 123 -0.98 22.72 -41.55
C TYR B 123 -0.81 21.56 -40.58
N ARG B 124 -0.57 20.37 -41.11
CA ARG B 124 -0.38 19.18 -40.29
C ARG B 124 1.01 19.44 -39.74
N GLU B 125 1.13 20.60 -39.09
CA GLU B 125 2.38 20.99 -38.47
C GLU B 125 2.18 20.19 -37.23
N ALA B 126 0.98 19.65 -37.10
CA ALA B 126 0.66 18.71 -36.03
C ALA B 126 0.84 17.29 -36.54
N TYR B 127 0.46 16.32 -35.72
CA TYR B 127 0.65 14.92 -36.07
C TYR B 127 2.08 14.88 -36.58
N ASN B 128 2.86 15.88 -36.18
CA ASN B 128 4.26 15.95 -36.53
C ASN B 128 4.94 16.43 -35.26
N LEU B 129 4.22 17.21 -34.47
CA LEU B 129 4.73 17.71 -33.20
C LEU B 129 4.43 16.71 -32.08
N GLY B 130 3.23 16.14 -32.11
CA GLY B 130 2.84 15.15 -31.12
C GLY B 130 3.99 14.22 -30.81
N LEU B 131 4.49 13.53 -31.84
CA LEU B 131 5.63 12.64 -31.67
C LEU B 131 6.85 13.37 -31.12
N GLU B 132 6.92 14.67 -31.38
CA GLU B 132 7.98 15.52 -30.84
C GLU B 132 7.69 15.79 -29.37
N ILE B 133 6.41 15.87 -29.01
CA ILE B 133 6.02 15.90 -27.62
C ILE B 133 6.14 14.49 -27.04
N LYS B 134 5.58 13.52 -27.73
CA LYS B 134 5.59 12.12 -27.31
C LYS B 134 6.99 11.59 -27.11
N ASN B 135 7.92 11.94 -28.00
CA ASN B 135 9.31 11.51 -27.85
C ASN B 135 9.99 12.17 -26.65
N LYS B 136 9.55 13.38 -26.30
CA LYS B 136 10.10 14.08 -25.15
C LYS B 136 9.67 13.43 -23.83
N ILE B 137 8.42 12.97 -23.77
CA ILE B 137 7.92 12.21 -22.60
C ILE B 137 8.59 10.84 -22.55
N LEU B 138 8.49 10.11 -23.65
CA LEU B 138 9.05 8.79 -23.75
C LEU B 138 10.53 8.70 -23.53
N GLU B 139 11.14 9.80 -23.14
CA GLU B 139 12.56 9.75 -22.83
C GLU B 139 12.99 10.42 -21.54
N LYS B 140 12.31 11.50 -21.22
CA LYS B 140 12.59 12.30 -20.02
C LYS B 140 11.82 11.84 -18.77
N GLU B 141 10.75 11.07 -18.96
CA GLU B 141 10.04 10.43 -17.85
C GLU B 141 9.60 9.00 -18.20
N LYS B 142 9.84 8.56 -19.42
CA LYS B 142 9.53 7.19 -19.84
C LYS B 142 8.06 6.75 -19.71
N ILE B 143 7.10 7.66 -19.95
CA ILE B 143 5.67 7.29 -20.00
C ILE B 143 5.07 7.44 -21.42
N THR B 144 4.40 6.41 -21.96
CA THR B 144 3.78 6.56 -23.27
C THR B 144 2.49 7.37 -23.18
N VAL B 145 2.31 8.27 -24.13
CA VAL B 145 1.11 9.12 -24.22
C VAL B 145 0.41 8.97 -25.56
N THR B 146 -0.86 9.36 -25.60
CA THR B 146 -1.68 9.24 -26.83
C THR B 146 -2.14 10.61 -27.29
N VAL B 147 -1.55 11.12 -28.35
CA VAL B 147 -1.78 12.49 -28.76
C VAL B 147 -3.06 12.56 -29.59
N GLY B 148 -3.85 13.61 -29.38
CA GLY B 148 -5.11 13.82 -30.14
C GLY B 148 -5.20 15.26 -30.65
N ILE B 149 -5.64 15.46 -31.89
CA ILE B 149 -5.67 16.79 -32.46
C ILE B 149 -6.92 17.03 -33.30
N SER B 150 -7.61 18.13 -33.03
CA SER B 150 -8.77 18.60 -33.83
C SER B 150 -9.06 20.08 -33.61
N LYS B 151 -10.02 20.58 -34.39
CA LYS B 151 -10.40 22.00 -34.48
C LYS B 151 -10.91 22.55 -33.16
N ASN B 152 -12.08 22.06 -32.74
CA ASN B 152 -12.61 22.31 -31.39
C ASN B 152 -12.06 21.28 -30.37
N LYS B 153 -12.11 21.62 -29.07
CA LYS B 153 -11.62 20.71 -28.01
C LYS B 153 -12.14 19.27 -27.88
N VAL B 154 -13.47 19.10 -27.81
CA VAL B 154 -14.11 17.80 -27.55
C VAL B 154 -13.61 16.80 -28.57
N PHE B 155 -13.59 17.20 -29.83
CA PHE B 155 -13.17 16.32 -30.92
C PHE B 155 -11.74 15.80 -30.72
N ALA B 156 -10.82 16.71 -30.42
CA ALA B 156 -9.41 16.37 -30.28
C ALA B 156 -9.23 15.25 -29.28
N LYS B 157 -10.14 15.18 -28.30
CA LYS B 157 -10.16 14.06 -27.35
C LYS B 157 -10.42 12.79 -28.15
N ILE B 158 -11.62 12.68 -28.71
CA ILE B 158 -12.03 11.48 -29.45
C ILE B 158 -10.88 10.96 -30.30
N ALA B 159 -10.11 11.88 -30.86
CA ALA B 159 -8.90 11.55 -31.61
C ALA B 159 -8.03 10.61 -30.80
N ALA B 160 -7.59 11.07 -29.63
CA ALA B 160 -6.81 10.21 -28.75
C ALA B 160 -7.65 9.05 -28.26
N ASP B 161 -8.92 9.31 -27.97
CA ASP B 161 -9.87 8.30 -27.45
C ASP B 161 -9.82 7.03 -28.25
N MET B 162 -9.78 7.19 -29.56
CA MET B 162 -9.83 6.06 -30.44
C MET B 162 -8.45 5.43 -30.64
N ALA B 163 -7.38 6.23 -30.54
CA ALA B 163 -6.05 5.76 -30.93
C ALA B 163 -5.15 5.24 -29.81
N LYS B 164 -5.72 5.07 -28.61
CA LYS B 164 -4.97 4.61 -27.44
C LYS B 164 -4.63 3.12 -27.58
N PRO B 165 -3.48 2.69 -27.04
CA PRO B 165 -2.52 3.49 -26.33
C PRO B 165 -1.25 3.72 -27.14
N ASN B 166 -0.42 4.65 -26.67
CA ASN B 166 0.78 5.11 -27.40
C ASN B 166 0.47 5.58 -28.81
N GLY B 167 -0.46 6.54 -28.93
CA GLY B 167 -0.99 6.90 -30.23
C GLY B 167 -0.76 8.35 -30.63
N ILE B 168 -1.12 8.67 -31.87
CA ILE B 168 -0.88 10.01 -32.40
C ILE B 168 -1.95 10.53 -33.36
N LYS B 169 -3.20 10.18 -33.10
CA LYS B 169 -4.34 10.47 -34.02
C LYS B 169 -4.65 11.94 -34.27
N VAL B 170 -4.75 12.25 -35.56
CA VAL B 170 -5.21 13.55 -36.03
C VAL B 170 -6.48 13.34 -36.85
N ILE B 171 -7.54 14.03 -36.45
CA ILE B 171 -8.76 14.04 -37.23
C ILE B 171 -9.12 15.48 -37.58
N ASP B 172 -8.94 15.86 -38.84
CA ASP B 172 -8.98 17.26 -39.24
C ASP B 172 -10.13 17.62 -40.20
N ASP B 173 -10.60 18.86 -40.09
CA ASP B 173 -11.70 19.35 -40.90
C ASP B 173 -12.51 18.23 -41.56
N GLU B 174 -11.98 17.69 -42.64
CA GLU B 174 -12.68 16.67 -43.43
C GLU B 174 -13.47 15.69 -42.56
N GLU B 175 -12.78 14.94 -41.72
CA GLU B 175 -13.40 13.87 -40.95
C GLU B 175 -14.10 14.44 -39.71
N VAL B 176 -13.87 15.73 -39.48
CA VAL B 176 -14.58 16.52 -38.44
C VAL B 176 -16.08 16.68 -38.79
N LYS B 177 -16.46 16.36 -40.02
CA LYS B 177 -17.86 16.35 -40.45
C LYS B 177 -18.45 14.94 -40.48
N ARG B 178 -17.57 13.94 -40.43
CA ARG B 178 -18.00 12.54 -40.45
C ARG B 178 -18.57 12.10 -39.10
N LEU B 179 -18.02 12.63 -38.02
CA LEU B 179 -18.36 12.16 -36.69
C LEU B 179 -19.83 12.25 -36.35
N ILE B 180 -20.40 13.44 -36.45
CA ILE B 180 -21.79 13.66 -36.08
C ILE B 180 -22.69 12.54 -36.60
N ARG B 181 -22.56 12.26 -37.89
CA ARG B 181 -23.34 11.21 -38.54
C ARG B 181 -22.63 9.84 -38.52
N GLU B 182 -21.96 9.55 -37.42
CA GLU B 182 -21.30 8.24 -37.27
C GLU B 182 -21.32 7.97 -35.74
N LEU B 183 -20.45 8.66 -34.98
CA LEU B 183 -20.11 8.30 -33.64
C LEU B 183 -21.23 7.92 -32.69
N ASP B 184 -21.14 6.72 -32.11
CA ASP B 184 -22.09 6.27 -31.10
C ASP B 184 -22.09 7.23 -29.91
N ILE B 185 -23.27 7.77 -29.58
CA ILE B 185 -23.44 8.90 -28.66
C ILE B 185 -22.83 8.77 -27.25
N ALA B 186 -23.05 7.62 -26.62
CA ALA B 186 -22.52 7.33 -25.29
C ALA B 186 -21.07 7.77 -25.16
N ASP B 187 -20.36 7.74 -26.30
CA ASP B 187 -18.93 8.02 -26.32
C ASP B 187 -18.53 9.48 -26.21
N VAL B 188 -19.49 10.40 -26.30
CA VAL B 188 -19.19 11.82 -26.27
C VAL B 188 -18.78 12.26 -24.86
N PRO B 189 -17.67 13.00 -24.74
CA PRO B 189 -17.24 13.60 -23.48
C PRO B 189 -18.36 14.38 -22.76
N GLY B 190 -18.68 13.97 -21.54
CA GLY B 190 -19.77 14.58 -20.80
C GLY B 190 -20.94 13.63 -20.66
N ILE B 191 -20.97 12.62 -21.52
CA ILE B 191 -22.08 11.67 -21.56
C ILE B 191 -21.70 10.29 -20.96
N GLY B 192 -22.45 9.88 -19.94
CA GLY B 192 -22.25 8.56 -19.36
C GLY B 192 -23.44 7.63 -19.56
N ASN B 193 -23.48 6.56 -18.76
CA ASN B 193 -24.56 5.59 -18.73
C ASN B 193 -25.93 6.15 -18.31
N ILE B 194 -25.94 7.27 -17.58
CA ILE B 194 -27.21 7.87 -17.15
C ILE B 194 -27.82 8.77 -18.22
N THR B 195 -26.98 9.49 -18.95
CA THR B 195 -27.43 10.35 -20.03
C THR B 195 -27.77 9.54 -21.28
N ALA B 196 -26.92 8.57 -21.60
CA ALA B 196 -27.13 7.73 -22.78
C ALA B 196 -28.41 6.89 -22.72
N GLU B 197 -28.78 6.43 -21.52
CA GLU B 197 -30.01 5.67 -21.39
C GLU B 197 -31.22 6.56 -21.59
N LYS B 198 -31.24 7.68 -20.88
CA LYS B 198 -32.28 8.71 -21.05
C LYS B 198 -32.31 9.24 -22.49
N LEU B 199 -31.21 9.00 -23.20
CA LEU B 199 -31.04 9.39 -24.58
C LEU B 199 -31.63 8.32 -25.49
N LYS B 200 -31.22 7.06 -25.30
CA LYS B 200 -31.82 5.99 -26.12
C LYS B 200 -33.30 5.90 -25.85
N LYS B 201 -33.72 6.48 -24.73
CA LYS B 201 -35.13 6.70 -24.47
C LYS B 201 -35.67 7.77 -25.41
N LEU B 202 -34.90 8.83 -25.61
CA LEU B 202 -35.27 9.90 -26.55
C LEU B 202 -35.30 9.43 -28.02
N GLY B 203 -34.64 8.31 -28.31
CA GLY B 203 -34.58 7.77 -29.65
C GLY B 203 -33.39 8.29 -30.43
N ILE B 204 -32.47 8.92 -29.74
CA ILE B 204 -31.26 9.45 -30.38
C ILE B 204 -30.33 8.25 -30.51
N ASN B 205 -29.04 8.54 -30.72
CA ASN B 205 -28.05 7.48 -30.87
C ASN B 205 -26.73 8.08 -31.34
N LYS B 206 -26.72 8.58 -32.57
CA LYS B 206 -25.52 9.17 -33.15
C LYS B 206 -25.54 10.69 -33.01
N LEU B 207 -24.51 11.34 -33.57
CA LEU B 207 -24.43 12.80 -33.54
C LEU B 207 -25.34 13.42 -34.61
N VAL B 208 -26.14 12.57 -35.26
CA VAL B 208 -27.08 13.02 -36.27
C VAL B 208 -28.50 13.02 -35.74
N ASP B 209 -29.01 14.21 -35.40
CA ASP B 209 -30.35 14.34 -34.87
C ASP B 209 -30.56 13.49 -33.62
N THR B 210 -30.20 14.04 -32.47
CA THR B 210 -29.64 15.41 -32.40
C THR B 210 -30.64 16.17 -33.31
N LEU B 211 -30.15 16.72 -34.42
CA LEU B 211 -30.99 17.49 -35.33
C LEU B 211 -32.44 17.08 -35.61
N SER B 212 -33.32 17.35 -34.66
CA SER B 212 -34.72 16.92 -34.73
C SER B 212 -35.15 16.46 -33.34
N ILE B 213 -36.37 15.94 -33.20
CA ILE B 213 -36.80 15.52 -31.89
C ILE B 213 -36.99 16.82 -31.14
N GLU B 214 -36.66 17.91 -31.82
CA GLU B 214 -36.91 19.25 -31.31
C GLU B 214 -36.35 19.51 -29.92
N PHE B 215 -35.89 20.73 -29.68
CA PHE B 215 -35.19 21.09 -28.44
C PHE B 215 -35.53 20.77 -26.97
N ASP B 216 -36.56 21.46 -26.49
CA ASP B 216 -36.91 21.54 -25.06
C ASP B 216 -37.15 20.15 -24.50
N LYS B 217 -37.35 19.20 -25.40
CA LYS B 217 -37.57 17.82 -25.01
C LYS B 217 -36.33 17.37 -24.26
N LEU B 218 -35.18 17.64 -24.85
CA LEU B 218 -33.92 17.43 -24.16
C LEU B 218 -33.86 18.33 -22.95
N LYS B 219 -34.20 19.60 -23.14
CA LYS B 219 -34.24 20.56 -22.05
C LYS B 219 -34.81 19.86 -20.83
N GLY B 220 -35.81 19.02 -21.07
CA GLY B 220 -36.39 18.20 -20.02
C GLY B 220 -36.07 16.78 -19.60
N MET B 221 -34.88 16.31 -19.97
CA MET B 221 -34.47 14.95 -19.65
C MET B 221 -32.99 15.03 -19.28
N ILE B 222 -32.19 15.62 -20.15
CA ILE B 222 -30.74 15.74 -19.89
C ILE B 222 -30.20 17.11 -19.48
N GLY B 223 -31.08 17.94 -18.93
CA GLY B 223 -30.77 19.34 -18.66
C GLY B 223 -30.60 20.19 -19.92
N GLU B 224 -30.91 21.47 -19.78
CA GLU B 224 -30.66 22.46 -20.84
C GLU B 224 -29.17 22.60 -21.08
N ALA B 225 -28.39 22.48 -20.01
CA ALA B 225 -26.93 22.62 -20.06
C ALA B 225 -26.25 21.56 -20.92
N LYS B 226 -26.61 20.30 -20.70
CA LYS B 226 -26.08 19.19 -21.48
C LYS B 226 -26.63 19.15 -22.90
N ALA B 227 -27.83 19.67 -23.08
CA ALA B 227 -28.46 19.70 -24.39
C ALA B 227 -27.74 20.61 -25.39
N LYS B 228 -27.43 21.83 -24.97
CA LYS B 228 -26.74 22.81 -25.83
C LYS B 228 -25.39 22.28 -26.29
N TYR B 229 -24.71 21.60 -25.39
CA TYR B 229 -23.45 20.93 -25.69
C TYR B 229 -23.60 20.00 -26.91
N LEU B 230 -24.68 19.22 -26.92
CA LEU B 230 -24.90 18.25 -27.98
C LEU B 230 -25.17 18.91 -29.34
N ILE B 231 -26.12 19.84 -29.37
CA ILE B 231 -26.51 20.52 -30.60
C ILE B 231 -25.35 21.31 -31.20
N SER B 232 -24.53 21.91 -30.34
CA SER B 232 -23.37 22.69 -30.76
C SER B 232 -22.39 21.83 -31.55
N LEU B 233 -22.17 20.59 -31.09
CA LEU B 233 -21.26 19.71 -31.77
C LEU B 233 -21.94 19.17 -33.02
N ALA B 234 -23.26 19.16 -33.02
CA ALA B 234 -24.01 18.69 -34.17
C ALA B 234 -23.82 19.67 -35.34
N ARG B 235 -23.96 20.95 -35.04
CA ARG B 235 -23.74 22.01 -36.01
C ARG B 235 -22.26 22.23 -36.29
N ASP B 236 -21.39 21.55 -35.55
CA ASP B 236 -19.92 21.73 -35.62
C ASP B 236 -19.51 23.14 -35.18
N GLU B 237 -20.24 23.70 -34.21
CA GLU B 237 -20.15 25.11 -33.83
C GLU B 237 -19.76 25.34 -32.37
N TYR B 238 -19.40 24.26 -31.69
CA TYR B 238 -18.85 24.32 -30.33
C TYR B 238 -17.51 25.05 -30.36
N ASN B 239 -17.36 26.11 -29.56
CA ASN B 239 -16.13 26.90 -29.56
C ASN B 239 -15.69 27.44 -28.21
N GLU B 240 -14.90 26.64 -27.48
CA GLU B 240 -14.52 26.98 -26.09
C GLU B 240 -13.00 27.12 -25.89
N PRO B 241 -12.57 28.13 -25.12
CA PRO B 241 -11.13 28.39 -24.94
C PRO B 241 -10.40 27.45 -23.97
N ILE B 242 -9.17 27.07 -24.30
CA ILE B 242 -8.40 26.27 -23.37
C ILE B 242 -7.90 27.14 -22.22
N ARG B 243 -8.84 27.73 -21.49
CA ARG B 243 -8.49 28.63 -20.40
C ARG B 243 -8.00 27.88 -19.17
N THR B 244 -6.70 28.00 -18.88
CA THR B 244 -6.11 27.38 -17.70
C THR B 244 -7.17 27.34 -16.62
N ARG B 245 -7.52 26.14 -16.18
CA ARG B 245 -8.59 25.94 -15.21
C ARG B 245 -8.01 25.39 -13.93
N VAL B 246 -8.52 25.82 -12.78
CA VAL B 246 -7.84 25.56 -11.52
C VAL B 246 -8.71 25.04 -10.38
N ARG B 247 -8.19 24.04 -9.69
CA ARG B 247 -8.88 23.36 -8.61
C ARG B 247 -9.82 24.30 -7.89
N LYS B 248 -10.91 23.76 -7.39
CA LYS B 248 -11.89 24.57 -6.66
C LYS B 248 -12.50 23.91 -5.43
N SER B 249 -11.86 22.87 -4.93
CA SER B 249 -12.44 22.12 -3.82
C SER B 249 -11.48 21.00 -3.42
N ILE B 250 -11.37 20.81 -2.10
CA ILE B 250 -10.58 19.72 -1.51
C ILE B 250 -11.47 18.97 -0.52
N GLY B 251 -11.31 17.64 -0.47
CA GLY B 251 -12.04 16.83 0.50
C GLY B 251 -11.55 15.41 0.74
N ARG B 252 -12.26 14.71 1.62
CA ARG B 252 -12.08 13.30 1.81
C ARG B 252 -13.35 12.70 2.36
N ILE B 253 -13.71 11.52 1.89
CA ILE B 253 -14.73 10.70 2.55
C ILE B 253 -14.12 9.37 2.94
N VAL B 254 -14.42 8.89 4.15
CA VAL B 254 -14.00 7.56 4.57
C VAL B 254 -15.19 6.63 4.81
N THR B 255 -14.96 5.34 4.64
CA THR B 255 -15.95 4.33 5.00
C THR B 255 -15.69 3.81 6.41
N MET B 256 -16.74 3.83 7.22
CA MET B 256 -16.67 3.32 8.58
C MET B 256 -16.80 1.80 8.57
N LYS B 257 -16.11 1.14 9.50
CA LYS B 257 -16.12 -0.31 9.59
C LYS B 257 -17.54 -0.86 9.76
N ARG B 258 -18.43 -0.04 10.33
CA ARG B 258 -19.86 -0.38 10.44
C ARG B 258 -20.73 0.87 10.32
N ASN B 259 -21.92 0.73 9.76
CA ASN B 259 -22.88 1.84 9.63
C ASN B 259 -23.45 2.20 10.99
N SER B 260 -23.69 3.50 11.22
CA SER B 260 -24.13 3.94 12.55
C SER B 260 -24.87 5.27 12.53
N ARG B 261 -25.48 5.60 13.66
CA ARG B 261 -26.03 6.93 13.91
C ARG B 261 -25.36 7.62 15.12
N ASN B 262 -24.44 6.91 15.76
CA ASN B 262 -23.76 7.36 16.99
C ASN B 262 -22.79 8.50 16.73
N LEU B 263 -22.99 9.61 17.44
CA LEU B 263 -22.22 10.82 17.23
C LEU B 263 -20.75 10.66 17.62
N GLU B 264 -20.49 10.15 18.82
CA GLU B 264 -19.12 10.06 19.28
C GLU B 264 -18.31 8.92 18.67
N GLU B 265 -19.04 7.99 18.04
CA GLU B 265 -18.44 6.83 17.39
C GLU B 265 -17.97 7.17 15.96
N ILE B 266 -18.78 7.95 15.25
CA ILE B 266 -18.41 8.50 13.94
C ILE B 266 -17.25 9.45 14.10
N LYS B 267 -17.38 10.36 15.06
CA LYS B 267 -16.45 11.44 15.29
C LYS B 267 -14.95 11.28 15.03
N PRO B 268 -14.37 10.07 15.24
CA PRO B 268 -12.91 10.00 15.06
C PRO B 268 -12.65 9.71 13.58
N TYR B 269 -13.65 9.21 12.85
CA TYR B 269 -13.53 9.10 11.38
C TYR B 269 -13.59 10.50 10.82
N LEU B 270 -14.57 11.27 11.29
CA LEU B 270 -14.79 12.64 10.85
C LEU B 270 -13.60 13.54 11.12
N PHE B 271 -12.93 13.31 12.25
CA PHE B 271 -11.68 14.01 12.56
C PHE B 271 -10.60 13.55 11.59
N ARG B 272 -10.52 12.23 11.35
CA ARG B 272 -9.60 11.64 10.37
C ARG B 272 -9.90 12.26 9.01
N ALA B 273 -11.18 12.43 8.69
CA ALA B 273 -11.58 13.09 7.44
C ALA B 273 -10.99 14.48 7.31
N ILE B 274 -11.16 15.28 8.35
CA ILE B 274 -10.69 16.65 8.37
C ILE B 274 -9.17 16.72 8.24
N GLU B 275 -8.46 15.85 8.98
CA GLU B 275 -6.99 15.91 8.99
C GLU B 275 -6.37 15.61 7.65
N GLU B 276 -6.80 14.53 7.01
CA GLU B 276 -6.35 14.25 5.65
C GLU B 276 -6.65 15.40 4.72
N SER B 277 -7.85 16.00 4.85
CA SER B 277 -8.31 17.14 4.04
C SER B 277 -7.43 18.35 4.20
N TYR B 278 -7.15 18.69 5.45
CA TYR B 278 -6.32 19.83 5.75
C TYR B 278 -4.90 19.65 5.28
N TYR B 279 -4.37 18.43 5.42
CA TYR B 279 -3.05 18.09 4.88
C TYR B 279 -2.98 18.39 3.38
N LYS B 280 -4.01 17.94 2.67
CA LYS B 280 -4.16 18.14 1.25
C LYS B 280 -4.44 19.57 0.91
N LEU B 281 -5.05 20.33 1.81
CA LEU B 281 -5.26 21.76 1.55
C LEU B 281 -3.93 22.50 1.40
N ASP B 282 -2.98 22.18 2.27
CA ASP B 282 -1.67 22.81 2.27
C ASP B 282 -1.75 24.32 2.55
N LYS B 283 -1.17 25.14 1.66
CA LYS B 283 -1.15 26.60 1.81
C LYS B 283 -2.51 27.22 1.53
N ARG B 284 -3.31 26.52 0.73
CA ARG B 284 -4.66 26.92 0.44
C ARG B 284 -5.47 26.97 1.74
N ILE B 285 -6.06 28.11 2.04
CA ILE B 285 -6.94 28.19 3.19
C ILE B 285 -8.37 28.35 2.70
N PRO B 286 -9.30 27.49 3.15
CA PRO B 286 -10.73 27.48 2.74
C PRO B 286 -11.65 28.43 3.47
N LYS B 287 -12.70 28.88 2.82
CA LYS B 287 -13.70 29.70 3.50
C LYS B 287 -15.05 29.01 3.69
N ALA B 288 -15.27 27.88 3.06
CA ALA B 288 -16.58 27.22 3.17
C ALA B 288 -16.45 25.72 3.36
N ILE B 289 -17.20 25.17 4.31
CA ILE B 289 -17.15 23.73 4.58
C ILE B 289 -18.45 22.97 4.25
N HIS B 290 -18.29 21.72 3.82
CA HIS B 290 -19.42 20.82 3.63
C HIS B 290 -19.13 19.48 4.22
N VAL B 291 -20.02 19.04 5.10
CA VAL B 291 -19.95 17.68 5.65
C VAL B 291 -20.81 16.76 4.79
N VAL B 292 -20.18 15.76 4.17
CA VAL B 292 -20.86 14.81 3.27
C VAL B 292 -21.03 13.47 3.95
N ALA B 293 -22.27 13.01 4.03
CA ALA B 293 -22.63 11.71 4.60
C ALA B 293 -23.25 10.82 3.54
N VAL B 294 -22.69 9.63 3.37
CA VAL B 294 -23.27 8.63 2.49
C VAL B 294 -24.06 7.64 3.33
N THR B 295 -25.35 7.54 3.05
CA THR B 295 -26.25 6.63 3.74
C THR B 295 -26.00 5.21 3.24
N GLU B 296 -26.35 4.21 4.05
CA GLU B 296 -26.08 2.80 3.75
C GLU B 296 -26.54 2.43 2.36
N ASP B 297 -27.74 2.88 2.02
CA ASP B 297 -28.35 2.65 0.71
C ASP B 297 -27.64 3.41 -0.42
N LEU B 298 -26.42 3.88 -0.16
CA LEU B 298 -25.61 4.57 -1.17
C LEU B 298 -26.26 5.85 -1.72
N ASP B 299 -26.91 6.61 -0.86
CA ASP B 299 -27.43 7.93 -1.24
C ASP B 299 -26.48 8.99 -0.71
N ILE B 300 -26.34 10.10 -1.41
CA ILE B 300 -25.35 11.10 -1.00
C ILE B 300 -26.01 12.42 -0.60
N VAL B 301 -25.94 12.75 0.70
CA VAL B 301 -26.54 13.99 1.26
C VAL B 301 -25.47 14.88 1.89
N SER B 302 -25.58 16.21 1.70
CA SER B 302 -24.57 17.14 2.24
C SER B 302 -25.14 18.43 2.87
N ARG B 303 -24.80 18.68 4.13
CA ARG B 303 -25.05 19.98 4.76
C ARG B 303 -23.77 20.78 4.93
N GLY B 304 -23.77 22.00 4.40
CA GLY B 304 -22.60 22.90 4.47
C GLY B 304 -22.80 24.27 5.13
N ARG B 305 -21.86 25.18 4.84
CA ARG B 305 -21.81 26.52 5.44
C ARG B 305 -20.64 27.36 4.90
N THR B 306 -20.88 28.64 4.65
CA THR B 306 -19.83 29.56 4.21
C THR B 306 -19.49 30.59 5.26
N PHE B 307 -18.22 30.94 5.35
CA PHE B 307 -17.74 31.88 6.34
C PHE B 307 -17.21 33.10 5.63
N PRO B 308 -17.20 34.25 6.33
CA PRO B 308 -16.66 35.50 5.78
C PRO B 308 -15.18 35.64 6.08
N HIS B 309 -14.57 34.57 6.58
CA HIS B 309 -13.13 34.48 6.87
C HIS B 309 -12.74 33.08 6.60
N GLY B 310 -11.45 32.77 6.71
CA GLY B 310 -10.93 31.42 6.46
C GLY B 310 -11.31 30.46 7.57
N ILE B 311 -11.25 29.17 7.30
CA ILE B 311 -11.52 28.19 8.34
C ILE B 311 -10.24 27.61 8.98
N SER B 312 -10.03 27.92 10.26
CA SER B 312 -8.94 27.33 11.00
C SER B 312 -9.33 25.91 11.30
N LYS B 313 -8.36 25.01 11.32
CA LYS B 313 -8.66 23.58 11.59
C LYS B 313 -9.52 23.44 12.84
N GLU B 314 -9.27 24.28 13.83
CA GLU B 314 -10.02 24.28 15.06
C GLU B 314 -11.49 24.58 14.83
N THR B 315 -11.76 25.57 13.99
CA THR B 315 -13.11 25.88 13.50
C THR B 315 -13.66 24.68 12.71
N ALA B 316 -12.84 24.15 11.83
CA ALA B 316 -13.26 23.03 11.05
C ALA B 316 -13.76 21.95 11.99
N TYR B 317 -12.96 21.60 12.99
CA TYR B 317 -13.35 20.56 13.93
C TYR B 317 -14.71 20.90 14.49
N SER B 318 -14.78 22.09 15.09
CA SER B 318 -15.95 22.60 15.77
C SER B 318 -17.20 22.64 14.88
N GLU B 319 -17.15 23.37 13.78
CA GLU B 319 -18.31 23.54 12.88
C GLU B 319 -18.74 22.23 12.24
N SER B 320 -17.79 21.32 12.08
CA SER B 320 -18.06 20.04 11.45
C SER B 320 -19.20 19.28 12.13
N VAL B 321 -19.07 19.09 13.44
CA VAL B 321 -20.02 18.31 14.24
C VAL B 321 -21.44 18.82 14.11
N LYS B 322 -21.58 20.13 14.15
CA LYS B 322 -22.88 20.76 14.02
C LYS B 322 -23.49 20.42 12.67
N LEU B 323 -22.66 20.28 11.64
CA LEU B 323 -23.18 19.94 10.31
C LEU B 323 -23.54 18.48 10.21
N LEU B 324 -22.92 17.67 11.04
CA LEU B 324 -23.21 16.24 11.14
C LEU B 324 -24.61 16.03 11.65
N GLN B 325 -24.94 16.78 12.70
CA GLN B 325 -26.24 16.72 13.34
C GLN B 325 -27.33 17.31 12.49
N LYS B 326 -26.99 18.31 11.68
CA LYS B 326 -27.94 18.88 10.72
C LYS B 326 -28.38 17.84 9.68
N ILE B 327 -27.46 16.95 9.29
CA ILE B 327 -27.77 15.79 8.45
C ILE B 327 -28.61 14.79 9.24
N LEU B 328 -28.26 14.60 10.52
CA LEU B 328 -28.99 13.69 11.43
C LEU B 328 -30.41 14.18 11.78
N GLU B 329 -30.62 15.48 11.66
CA GLU B 329 -31.92 16.08 11.92
C GLU B 329 -32.70 16.30 10.63
N GLU B 330 -32.22 15.75 9.52
CA GLU B 330 -32.89 15.88 8.22
C GLU B 330 -32.91 14.60 7.36
N ASP B 331 -32.50 13.47 7.95
CA ASP B 331 -32.59 12.16 7.29
C ASP B 331 -33.00 11.08 8.28
N GLU B 332 -33.26 9.88 7.77
CA GLU B 332 -33.66 8.76 8.60
C GLU B 332 -32.67 7.60 8.47
N ARG B 333 -31.86 7.63 7.42
CA ARG B 333 -31.03 6.48 7.05
C ARG B 333 -29.83 6.25 7.98
N LYS B 334 -29.04 5.22 7.65
CA LYS B 334 -27.83 4.90 8.39
C LYS B 334 -26.62 5.42 7.63
N ILE B 335 -25.63 5.93 8.37
CA ILE B 335 -24.44 6.50 7.76
C ILE B 335 -23.42 5.42 7.52
N ARG B 336 -23.10 5.20 6.25
CA ARG B 336 -22.11 4.20 5.84
C ARG B 336 -20.74 4.88 5.83
N ARG B 337 -20.60 5.88 4.94
CA ARG B 337 -19.34 6.61 4.74
C ARG B 337 -19.52 8.08 5.20
N ILE B 338 -18.41 8.74 5.58
CA ILE B 338 -18.45 10.11 6.10
C ILE B 338 -17.24 10.93 5.67
N GLY B 339 -17.42 12.23 5.45
CA GLY B 339 -16.29 13.12 5.15
C GLY B 339 -16.60 14.61 5.11
N VAL B 340 -15.59 15.39 4.73
CA VAL B 340 -15.74 16.83 4.62
C VAL B 340 -15.17 17.41 3.34
N ARG B 341 -15.72 18.54 2.93
CA ARG B 341 -15.30 19.14 1.70
C ARG B 341 -15.21 20.68 1.83
N PHE B 342 -14.01 21.20 1.62
CA PHE B 342 -13.74 22.60 1.80
C PHE B 342 -13.61 23.27 0.46
N SER B 343 -14.15 24.48 0.35
CA SER B 343 -14.10 25.22 -0.91
C SER B 343 -14.04 26.72 -0.66
N LYS B 344 -13.98 27.49 -1.73
CA LYS B 344 -13.92 28.94 -1.65
C LYS B 344 -12.62 29.40 -0.98
N PHE B 345 -11.49 29.11 -1.64
CA PHE B 345 -10.17 29.50 -1.10
C PHE B 345 -9.87 31.00 -1.27
N ILE B 346 -8.85 31.50 -0.59
CA ILE B 346 -8.61 32.95 -0.51
C ILE B 346 -7.67 33.53 -1.59
N GLU B 347 -7.97 34.71 -2.10
P 2DT C 10 14.12 -7.84 15.87
OP1 2DT C 10 14.71 -8.61 14.69
OP2 2DT C 10 14.63 -6.52 16.38
O5' 2DT C 10 12.56 -7.61 15.60
N1 2DT C 10 7.98 -8.39 16.55
C6 2DT C 10 8.66 -8.48 17.73
C2 2DT C 10 6.73 -8.99 16.40
O2 2DT C 10 6.15 -8.89 15.29
N3 2DT C 10 6.16 -9.65 17.44
C4 2DT C 10 6.76 -9.78 18.64
O4 2DT C 10 6.21 -10.42 19.59
C5 2DT C 10 8.12 -9.16 18.83
C5M 2DT C 10 8.85 -9.26 20.14
C2' 2DT C 10 8.21 -6.18 15.42
C5' 2DT C 10 11.84 -6.48 16.09
C4' 2DT C 10 10.58 -6.52 15.23
O4' 2DT C 10 9.96 -7.81 15.38
C1' 2DT C 10 8.54 -7.67 15.39
C3' 2DT C 10 9.53 -5.45 15.53
O6 EFG D 5 3.60 -11.31 20.15
C6 EFG D 5 3.04 -11.17 19.06
N1 EFG D 5 3.78 -10.65 18.00
C2 EFG D 5 3.14 -10.49 16.77
N2 EFG D 5 3.56 -10.00 15.59
C10 EFG D 5 2.54 -10.05 14.73
C9 EFG D 5 1.51 -10.57 15.40
N3 EFG D 5 1.88 -10.84 16.66
C4 EFG D 5 1.16 -11.34 17.64
C5 EFG D 5 1.74 -11.52 18.84
N7 EFG D 5 0.83 -12.04 19.66
C8 EFG D 5 -0.30 -12.17 18.97
N9 EFG D 5 -0.10 -11.75 17.73
C1' EFG D 5 -1.15 -11.75 16.69
O4' EFG D 5 -2.29 -11.06 17.30
C2' EFG D 5 -1.66 -13.12 16.36
F EFG D 5 -1.51 -13.89 17.52
C3' EFG D 5 -3.18 -13.03 16.21
O3' EFG D 5 -3.52 -12.98 14.82
C4' EFG D 5 -3.59 -11.78 17.01
C5' EFG D 5 -4.39 -12.21 18.26
O5' EFG D 5 -3.81 -13.43 18.75
P EFG D 5 -3.80 -13.84 20.27
OP1 EFG D 5 -5.25 -13.77 20.57
OP2 EFG D 5 -3.00 -15.07 20.50
P 2DT E 10 -11.04 10.10 -17.68
OP1 2DT E 10 -10.59 11.54 -17.66
OP2 2DT E 10 -10.76 9.18 -18.85
O5' 2DT E 10 -10.47 9.42 -16.35
N1 2DT E 10 -11.67 6.55 -12.64
C6 2DT E 10 -12.62 6.36 -13.57
C2 2DT E 10 -11.92 6.23 -11.29
O2 2DT E 10 -11.01 6.42 -10.45
N3 2DT E 10 -13.10 5.73 -10.90
C4 2DT E 10 -14.10 5.51 -11.77
O4 2DT E 10 -15.19 5.03 -11.37
C5 2DT E 10 -13.87 5.84 -13.21
C5M 2DT E 10 -14.96 5.61 -14.22
C2' 2DT E 10 -9.39 6.01 -13.44
C5' 2DT E 10 -10.03 8.06 -16.39
C4' 2DT E 10 -9.44 7.83 -15.01
O4' 2DT E 10 -10.46 8.06 -14.02
C1' 2DT E 10 -10.35 7.10 -12.97
C3' 2DT E 10 -8.96 6.40 -14.84
O6 EFG F 5 -17.09 3.79 -8.36
C6 EFG F 5 -16.03 3.97 -7.77
N1 EFG F 5 -14.94 4.37 -8.50
C2 EFG F 5 -13.76 4.56 -7.81
N2 EFG F 5 -12.56 4.93 -8.21
C10 EFG F 5 -11.79 4.97 -7.14
C9 EFG F 5 -12.53 4.62 -6.09
N3 EFG F 5 -13.75 4.36 -6.52
C4 EFG F 5 -14.80 3.98 -5.81
C5 EFG F 5 -15.94 3.79 -6.46
N7 EFG F 5 -16.85 3.43 -5.57
C8 EFG F 5 -16.27 3.38 -4.39
N9 EFG F 5 -15.00 3.72 -4.52
C1' EFG F 5 -14.14 3.78 -3.31
O4' EFG F 5 -13.57 2.54 -3.04
C2' EFG F 5 -14.95 4.13 -2.06
F EFG F 5 -16.21 3.54 -2.10
C3' EFG F 5 -14.54 3.16 -1.04
O3' EFG F 5 -13.37 3.56 -0.36
C4' EFG F 5 -14.22 2.00 -1.91
C5' EFG F 5 -15.47 1.42 -2.51
O5' EFG F 5 -16.26 0.90 -1.48
P EFG F 5 -17.77 0.92 -1.81
OP1 EFG F 5 -18.46 0.16 -0.77
OP2 EFG F 5 -18.13 2.29 -2.12
MG MG G . 13.28 -4.62 12.76
MG MG H . 11.85 -2.22 13.26
CA CA I . 18.07 -8.88 23.47
CA CA J . 33.84 -19.44 7.02
CA CA K . -9.84 -19.87 34.42
NA NA L . 13.78 -35.50 42.13
MG MG M . -7.93 9.30 -19.08
CA CA N . -18.59 8.64 -22.23
MG MG O . -5.30 7.79 -19.19
CA CA P . -30.49 11.97 -2.80
CA CA Q . 7.53 26.84 -26.81
CA CA R . -8.07 13.18 -12.27
NA NA S . 19.54 18.65 -21.88
NA NA T . 18.90 -40.92 16.84
NA NA U . 12.82 -45.18 20.14
#